data_5D51
#
_entry.id   5D51
#
_cell.length_a   73.387
_cell.length_b   95.574
_cell.length_c   119.752
_cell.angle_alpha   90.00
_cell.angle_beta   90.00
_cell.angle_gamma   90.00
#
_symmetry.space_group_name_H-M   'P 21 21 21'
#
loop_
_entity.id
_entity.type
_entity.pdbx_description
1 polymer 'Uptake hydrogenase large subunit'
2 polymer 'Uptake hydrogenase small subunit'
3 non-polymer 'NI-FE OXIDIZED ACTIVE CENTER'
4 non-polymer 'MAGNESIUM ION'
5 non-polymer KRYPTON
6 non-polymer 'CHLORIDE ION'
7 non-polymer 'IRON/SULFUR CLUSTER'
8 non-polymer 'FE3-S4 CLUSTER'
9 non-polymer 'FE4-S3 CLUSTER'
10 water water
#
loop_
_entity_poly.entity_id
_entity_poly.type
_entity_poly.pdbx_seq_one_letter_code
_entity_poly.pdbx_strand_id
1 'polypeptide(L)'
;MSAYATQGFNLDDRGRRIVVDPVTRIEGHMRCEVNVDANNVIRNAVSTGTMWRGLEVILKGRDPRDAWAFVERICGVCTG
CHALASVRAVENALDIRIPKNAHLIREIMAKTLQVHDHAVHFYHLHALDWVDVMSALKADPKRTSELQQLVSPAHPLSSA
GYFRDIQNRLKRFVESGQLGPFMNGYWGSKAYVLPPEANLMAVTHYLEALDLQKEWVKIHTIFGGKNPHPNYLVGGVPCA
INLDGIGAASAPVNMERLSFVKARIDEIIEFNKNVYVPDVLAIGTLYKQAGWLYGGGLAATNVLDYGEYPNVAYNKSTDQ
LPGGAILNGNWDEVFPVDPRDSQQVQEFVSHSWYKYADESVGLHPWDGVTEPNYVLGANTKGTRTRIEQIDESAKYSWIK
SPRWRGHAMEVGPLSRYILAYAHARSGNKYAERPKEQLEYSAQMINSAIPKALGLPETQYTLKQLLPSTIGRTLARALES
QYCGEMMHSDWHDLVANIRAGDTATANVDKWDPATWPLQAKGVGTVAAPRGALGHWIRIKDGRIENYQCVVPTTWNGSPR
DYKGQIGAFEASLMNTPMVNPEQPVEILRTLHSFDPCLACSTH
;
L
2 'polypeptide(L)'
;METKPRTPVLWLHGLECTCCSESFIRSAHPLAKDVVLSMISLDYDDTLMAAAGHQAEAILEEIMTKYKGNYILAVEGNPP
LNQDGMSCIIGGRPFIEQLKYVAKDAKAIISWGSCASWGCVQAAKPNPTQATPVHKVITDKPIIKVPGCPPIAEVMTGVI
TYMLTFDRIPELDRQGRPKMFYSQRIHDKCYRRPHFDAGQFVEEWDDESARKGFCLYKMGCKGPTTYNACSTTRWNEGTS
FPIQSGHGCIGCSEDGFWDKGSFYDRLTGISQFGVEANADKIGGTASVVVGAAVTAHAAASAIKRASKKNETSGSEHRSA
WSHPQFEKRSAWSHPQFEK
;
S
#
loop_
_chem_comp.id
_chem_comp.type
_chem_comp.name
_chem_comp.formula
CL non-polymer 'CHLORIDE ION' 'Cl -1'
F3S non-polymer 'FE3-S4 CLUSTER' 'Fe3 S4'
F4S non-polymer 'FE4-S3 CLUSTER' 'Fe4 S3'
KR non-polymer KRYPTON Kr
MG non-polymer 'MAGNESIUM ION' 'Mg 2'
NFV non-polymer 'NI-FE OXIDIZED ACTIVE CENTER' 'C3 Fe N2 Ni O2'
SF4 non-polymer 'IRON/SULFUR CLUSTER' 'Fe4 S4'
#
# COMPACT_ATOMS: atom_id res chain seq x y z
N ALA A 3 11.70 -12.36 30.11
CA ALA A 3 12.80 -11.34 30.04
C ALA A 3 14.10 -11.95 29.51
N TYR A 4 14.62 -11.38 28.43
CA TYR A 4 15.90 -11.81 27.86
C TYR A 4 16.50 -10.72 26.99
N ALA A 5 17.81 -10.83 26.73
CA ALA A 5 18.54 -9.85 25.93
C ALA A 5 18.79 -10.37 24.52
N THR A 6 18.55 -9.52 23.52
CA THR A 6 18.84 -9.86 22.14
C THR A 6 19.13 -8.59 21.33
N GLN A 7 20.16 -8.64 20.50
CA GLN A 7 20.51 -7.53 19.59
C GLN A 7 20.76 -6.20 20.32
N GLY A 8 21.27 -6.29 21.56
CA GLY A 8 21.49 -5.12 22.39
C GLY A 8 20.24 -4.55 23.08
N PHE A 9 19.10 -5.23 22.94
CA PHE A 9 17.84 -4.84 23.60
C PHE A 9 17.58 -5.75 24.78
N ASN A 10 17.16 -5.15 25.89
CA ASN A 10 16.81 -5.87 27.11
C ASN A 10 15.29 -6.00 27.18
N LEU A 11 14.76 -7.10 26.64
CA LEU A 11 13.31 -7.33 26.63
C LEU A 11 12.86 -7.71 28.02
N ASP A 12 11.71 -7.15 28.45
CA ASP A 12 11.16 -7.43 29.77
C ASP A 12 9.65 -7.29 29.71
N ASP A 13 8.95 -8.38 30.01
CA ASP A 13 7.49 -8.41 29.95
C ASP A 13 6.83 -8.37 31.34
N ARG A 14 7.57 -7.92 32.35
CA ARG A 14 7.03 -7.85 33.71
C ARG A 14 6.27 -6.57 34.02
N GLY A 15 6.39 -5.55 33.16
CA GLY A 15 5.69 -4.31 33.38
C GLY A 15 4.25 -4.34 32.92
N ARG A 16 3.63 -3.17 32.91
CA ARG A 16 2.23 -3.02 32.51
C ARG A 16 2.01 -3.33 31.05
N ARG A 17 1.03 -4.20 30.76
CA ARG A 17 0.72 -4.59 29.39
C ARG A 17 -0.31 -3.66 28.78
N ILE A 18 0.00 -3.17 27.58
CA ILE A 18 -0.88 -2.28 26.82
C ILE A 18 -1.17 -2.93 25.47
N VAL A 19 -2.43 -2.91 25.06
CA VAL A 19 -2.87 -3.50 23.79
C VAL A 19 -3.43 -2.42 22.88
N VAL A 20 -2.99 -2.45 21.60
CA VAL A 20 -3.54 -1.59 20.54
C VAL A 20 -4.06 -2.51 19.42
N ASP A 21 -5.37 -2.72 19.40
CA ASP A 21 -6.00 -3.57 18.39
C ASP A 21 -7.42 -3.02 18.15
N PRO A 22 -7.69 -2.40 17.02
CA PRO A 22 -6.82 -2.33 15.84
C PRO A 22 -5.78 -1.21 15.85
N VAL A 23 -4.64 -1.45 15.21
CA VAL A 23 -3.74 -0.40 14.83
C VAL A 23 -4.38 0.21 13.59
N THR A 24 -4.71 1.49 13.66
CA THR A 24 -5.37 2.18 12.55
C THR A 24 -4.35 3.01 11.78
N ARG A 25 -4.82 3.64 10.69
CA ARG A 25 -3.97 4.39 9.78
C ARG A 25 -2.76 3.57 9.27
N ILE A 26 -3.09 2.32 8.93
CA ILE A 26 -2.19 1.43 8.22
C ILE A 26 -3.05 0.79 7.13
N GLU A 27 -2.42 0.04 6.25
CA GLU A 27 -3.17 -0.87 5.40
C GLU A 27 -3.33 -2.19 6.15
N GLY A 28 -4.55 -2.72 6.16
CA GLY A 28 -4.80 -4.05 6.67
C GLY A 28 -4.93 -4.09 8.16
N HIS A 29 -4.64 -5.27 8.72
CA HIS A 29 -4.95 -5.59 10.10
C HIS A 29 -3.72 -5.94 10.92
N MET A 30 -3.54 -5.20 12.00
CA MET A 30 -2.44 -5.43 12.95
C MET A 30 -2.91 -5.21 14.38
N ARG A 31 -2.35 -6.04 15.26
CA ARG A 31 -2.45 -5.88 16.71
C ARG A 31 -1.04 -5.62 17.24
N CYS A 32 -0.91 -4.68 18.15
CA CYS A 32 0.35 -4.40 18.82
C CYS A 32 0.14 -4.50 20.33
N GLU A 33 1.06 -5.18 21.02
CA GLU A 33 1.10 -5.16 22.47
C GLU A 33 2.49 -4.73 22.91
N VAL A 34 2.54 -3.99 24.01
CA VAL A 34 3.79 -3.59 24.64
C VAL A 34 3.71 -3.78 26.12
N ASN A 35 4.88 -3.84 26.76
CA ASN A 35 4.98 -3.70 28.20
C ASN A 35 5.76 -2.44 28.51
N VAL A 36 5.26 -1.66 29.46
CA VAL A 36 5.95 -0.45 29.91
C VAL A 36 6.40 -0.58 31.37
N ASP A 37 7.53 0.07 31.67
CA ASP A 37 8.09 0.03 33.02
C ASP A 37 7.43 1.08 33.92
N ALA A 38 7.96 1.24 35.13
CA ALA A 38 7.39 2.15 36.12
C ALA A 38 7.33 3.61 35.66
N ASN A 39 8.15 3.96 34.68
CA ASN A 39 8.22 5.31 34.14
C ASN A 39 7.61 5.43 32.74
N ASN A 40 6.76 4.47 32.36
CA ASN A 40 6.08 4.45 31.05
C ASN A 40 7.00 4.25 29.85
N VAL A 41 8.17 3.66 30.06
CA VAL A 41 9.11 3.38 28.97
C VAL A 41 8.83 1.97 28.46
N ILE A 42 8.70 1.84 27.14
CA ILE A 42 8.44 0.55 26.53
C ILE A 42 9.67 -0.36 26.71
N ARG A 43 9.47 -1.53 27.33
N ARG A 43 9.45 -1.53 27.30
CA ARG A 43 10.53 -2.52 27.53
CA ARG A 43 10.49 -2.52 27.55
C ARG A 43 10.24 -3.85 26.83
C ARG A 43 10.24 -3.85 26.82
N ASN A 44 9.12 -3.95 26.12
CA ASN A 44 8.77 -5.12 25.34
C ASN A 44 7.75 -4.70 24.30
N ALA A 45 7.84 -5.29 23.12
CA ALA A 45 6.91 -4.99 22.04
C ALA A 45 6.64 -6.24 21.23
N VAL A 46 5.40 -6.37 20.76
CA VAL A 46 4.91 -7.57 20.12
C VAL A 46 4.10 -7.18 18.90
N SER A 47 4.55 -7.64 17.73
CA SER A 47 3.92 -7.34 16.46
C SER A 47 3.10 -8.55 16.03
N THR A 48 1.78 -8.38 15.91
CA THR A 48 0.88 -9.43 15.44
C THR A 48 0.15 -9.03 14.16
N GLY A 49 0.44 -9.73 13.06
CA GLY A 49 -0.31 -9.59 11.83
C GLY A 49 -1.60 -10.37 12.00
N THR A 50 -2.73 -9.67 11.86
CA THR A 50 -4.04 -10.25 12.19
C THR A 50 -4.90 -10.59 10.97
N MET A 51 -4.25 -10.90 9.84
CA MET A 51 -4.96 -11.32 8.65
C MET A 51 -4.11 -12.27 7.84
N TRP A 52 -4.78 -13.13 7.07
CA TRP A 52 -4.12 -13.99 6.09
C TRP A 52 -5.14 -14.36 5.02
N ARG A 53 -4.70 -14.43 3.77
CA ARG A 53 -5.57 -14.82 2.64
C ARG A 53 -5.07 -16.06 1.89
N GLY A 54 -3.76 -16.29 1.87
CA GLY A 54 -3.20 -17.48 1.25
C GLY A 54 -3.00 -17.41 -0.25
N LEU A 55 -2.53 -16.28 -0.76
CA LEU A 55 -2.26 -16.15 -2.20
C LEU A 55 -1.27 -17.19 -2.70
N GLU A 56 -0.28 -17.55 -1.88
CA GLU A 56 0.74 -18.51 -2.32
C GLU A 56 0.14 -19.88 -2.62
N VAL A 57 -0.85 -20.26 -1.81
CA VAL A 57 -1.59 -21.50 -1.96
C VAL A 57 -2.48 -21.43 -3.21
N ILE A 58 -3.18 -20.32 -3.36
CA ILE A 58 -4.09 -20.09 -4.49
C ILE A 58 -3.40 -20.16 -5.85
N LEU A 59 -2.16 -19.70 -5.92
CA LEU A 59 -1.42 -19.70 -7.19
C LEU A 59 -1.04 -21.09 -7.72
N LYS A 60 -0.95 -22.09 -6.85
N LYS A 60 -0.95 -22.08 -6.85
CA LYS A 60 -0.50 -23.42 -7.27
CA LYS A 60 -0.49 -23.41 -7.26
C LYS A 60 -1.37 -23.99 -8.39
C LYS A 60 -1.36 -23.99 -8.38
N GLY A 61 -0.70 -24.46 -9.44
CA GLY A 61 -1.37 -25.08 -10.57
C GLY A 61 -1.84 -24.13 -11.66
N ARG A 62 -1.70 -22.83 -11.45
CA ARG A 62 -2.18 -21.84 -12.42
C ARG A 62 -1.10 -21.51 -13.46
N ASP A 63 -1.48 -20.71 -14.45
CA ASP A 63 -0.56 -20.34 -15.52
C ASP A 63 0.35 -19.20 -15.04
N PRO A 64 1.70 -19.36 -15.19
CA PRO A 64 2.60 -18.28 -14.81
C PRO A 64 2.28 -16.92 -15.44
N ARG A 65 1.71 -16.92 -16.66
CA ARG A 65 1.39 -15.65 -17.33
C ARG A 65 0.24 -14.90 -16.66
N ASP A 66 -0.59 -15.61 -15.89
CA ASP A 66 -1.71 -15.01 -15.14
C ASP A 66 -1.31 -14.56 -13.74
N ALA A 67 -0.15 -15.02 -13.26
CA ALA A 67 0.19 -14.84 -11.85
C ALA A 67 0.20 -13.39 -11.41
N TRP A 68 0.71 -12.50 -12.28
CA TRP A 68 0.85 -11.09 -11.89
C TRP A 68 -0.48 -10.51 -11.42
N ALA A 69 -1.59 -10.91 -12.04
CA ALA A 69 -2.88 -10.32 -11.71
C ALA A 69 -3.36 -10.77 -10.34
N PHE A 70 -3.11 -12.03 -10.01
CA PHE A 70 -3.43 -12.57 -8.70
C PHE A 70 -2.61 -11.86 -7.61
N VAL A 71 -1.29 -11.83 -7.80
CA VAL A 71 -0.42 -11.26 -6.77
C VAL A 71 -0.52 -9.76 -6.67
N GLU A 72 -0.94 -9.09 -7.75
CA GLU A 72 -1.18 -7.66 -7.69
C GLU A 72 -2.21 -7.36 -6.61
N ARG A 73 -3.20 -8.25 -6.48
CA ARG A 73 -4.24 -8.13 -5.47
C ARG A 73 -3.78 -8.50 -4.05
N ILE A 74 -2.49 -8.77 -3.86
CA ILE A 74 -1.94 -8.76 -2.50
C ILE A 74 -2.19 -7.39 -1.86
N CYS A 75 -2.10 -6.31 -2.64
CA CYS A 75 -2.23 -4.99 -2.05
C CYS A 75 -2.62 -3.93 -3.07
N GLY A 76 -3.67 -3.17 -2.75
CA GLY A 76 -4.13 -2.05 -3.55
C GLY A 76 -3.50 -0.72 -3.20
N VAL A 77 -2.69 -0.68 -2.15
CA VAL A 77 -1.96 0.52 -1.76
C VAL A 77 -0.64 0.50 -2.51
N CYS A 78 0.18 -0.52 -2.33
CA CYS A 78 1.40 -0.68 -3.16
C CYS A 78 1.05 -1.37 -4.50
N THR A 79 0.05 -0.79 -5.16
CA THR A 79 -0.59 -1.42 -6.31
C THR A 79 0.33 -1.47 -7.51
N GLY A 80 0.56 -2.67 -8.01
CA GLY A 80 1.41 -2.87 -9.16
C GLY A 80 2.80 -3.40 -8.84
N CYS A 81 3.31 -3.15 -7.62
CA CYS A 81 4.67 -3.60 -7.33
C CYS A 81 4.77 -5.12 -7.32
N HIS A 82 3.71 -5.79 -6.88
CA HIS A 82 3.65 -7.26 -6.93
C HIS A 82 3.53 -7.79 -8.35
N ALA A 83 2.78 -7.07 -9.19
CA ALA A 83 2.70 -7.42 -10.61
C ALA A 83 4.09 -7.34 -11.25
N LEU A 84 4.80 -6.25 -10.95
CA LEU A 84 6.17 -6.07 -11.44
C LEU A 84 7.09 -7.21 -10.98
N ALA A 85 7.05 -7.53 -9.69
CA ALA A 85 7.86 -8.63 -9.18
C ALA A 85 7.53 -9.95 -9.91
N SER A 86 6.25 -10.18 -10.15
CA SER A 86 5.78 -11.43 -10.76
C SER A 86 6.25 -11.57 -12.20
N VAL A 87 6.03 -10.53 -13.00
CA VAL A 87 6.45 -10.62 -14.40
C VAL A 87 7.98 -10.75 -14.46
N ARG A 88 8.70 -10.05 -13.57
CA ARG A 88 10.15 -10.21 -13.51
C ARG A 88 10.56 -11.64 -13.14
N ALA A 89 9.86 -12.23 -12.18
CA ALA A 89 10.15 -13.61 -11.78
C ALA A 89 9.91 -14.60 -12.93
N VAL A 90 8.79 -14.44 -13.62
CA VAL A 90 8.47 -15.33 -14.75
C VAL A 90 9.47 -15.14 -15.89
N GLU A 91 9.78 -13.88 -16.21
CA GLU A 91 10.77 -13.59 -17.24
C GLU A 91 12.16 -14.15 -16.88
N ASN A 92 12.50 -14.10 -15.60
CA ASN A 92 13.76 -14.67 -15.13
C ASN A 92 13.75 -16.18 -15.29
N ALA A 93 12.64 -16.81 -14.93
CA ALA A 93 12.51 -18.27 -15.06
C ALA A 93 12.61 -18.74 -16.51
N LEU A 94 12.00 -17.98 -17.41
CA LEU A 94 11.92 -18.39 -18.82
C LEU A 94 12.98 -17.73 -19.73
N ASP A 95 13.92 -16.97 -19.15
CA ASP A 95 15.01 -16.33 -19.89
C ASP A 95 14.45 -15.36 -20.96
N ILE A 96 13.52 -14.51 -20.56
CA ILE A 96 12.89 -13.52 -21.43
C ILE A 96 13.48 -12.15 -21.13
N ARG A 97 14.01 -11.48 -22.15
CA ARG A 97 14.46 -10.09 -22.03
C ARG A 97 13.43 -9.17 -22.66
N ILE A 98 12.94 -8.21 -21.88
CA ILE A 98 11.92 -7.28 -22.37
C ILE A 98 12.56 -6.13 -23.17
N PRO A 99 11.80 -5.55 -24.11
CA PRO A 99 12.38 -4.43 -24.87
C PRO A 99 12.53 -3.16 -24.02
N LYS A 100 13.43 -2.28 -24.47
CA LYS A 100 13.77 -1.06 -23.76
C LYS A 100 12.55 -0.23 -23.35
N ASN A 101 11.58 -0.08 -24.25
CA ASN A 101 10.40 0.74 -23.93
C ASN A 101 9.57 0.15 -22.80
N ALA A 102 9.48 -1.17 -22.77
CA ALA A 102 8.77 -1.87 -21.70
C ALA A 102 9.49 -1.65 -20.37
N HIS A 103 10.82 -1.75 -20.40
CA HIS A 103 11.63 -1.47 -19.22
C HIS A 103 11.35 -0.07 -18.69
N LEU A 104 11.41 0.91 -19.58
CA LEU A 104 11.23 2.30 -19.16
C LEU A 104 9.82 2.60 -18.66
N ILE A 105 8.82 2.02 -19.31
CA ILE A 105 7.43 2.21 -18.90
C ILE A 105 7.20 1.58 -17.52
N ARG A 106 7.72 0.39 -17.30
CA ARG A 106 7.64 -0.23 -15.97
C ARG A 106 8.33 0.63 -14.92
N GLU A 107 9.48 1.21 -15.25
CA GLU A 107 10.19 2.07 -14.30
C GLU A 107 9.38 3.32 -13.96
N ILE A 108 8.77 3.93 -14.98
CA ILE A 108 7.94 5.10 -14.76
C ILE A 108 6.74 4.74 -13.87
N MET A 109 6.11 3.60 -14.14
CA MET A 109 4.99 3.15 -13.30
C MET A 109 5.44 2.90 -11.85
N ALA A 110 6.64 2.32 -11.70
CA ALA A 110 7.15 2.00 -10.37
C ALA A 110 7.41 3.29 -9.59
N LYS A 111 8.02 4.27 -10.24
CA LYS A 111 8.36 5.53 -9.59
C LYS A 111 7.11 6.37 -9.29
N THR A 112 6.10 6.26 -10.14
CA THR A 112 4.80 6.89 -9.91
C THR A 112 4.18 6.31 -8.64
N LEU A 113 4.21 4.98 -8.51
CA LEU A 113 3.72 4.34 -7.30
C LEU A 113 4.48 4.85 -6.08
N GLN A 114 5.81 4.91 -6.18
CA GLN A 114 6.62 5.39 -5.05
C GLN A 114 6.16 6.75 -4.56
N VAL A 115 5.99 7.69 -5.47
N VAL A 115 6.01 7.70 -5.47
CA VAL A 115 5.59 9.04 -5.10
CA VAL A 115 5.62 9.06 -5.08
C VAL A 115 4.19 9.06 -4.50
C VAL A 115 4.19 9.11 -4.52
N HIS A 116 3.26 8.38 -5.15
CA HIS A 116 1.88 8.37 -4.70
C HIS A 116 1.76 7.74 -3.30
N ASP A 117 2.36 6.56 -3.17
CA ASP A 117 2.32 5.83 -1.92
C ASP A 117 2.97 6.65 -0.80
N HIS A 118 4.16 7.20 -1.04
CA HIS A 118 4.87 7.97 -0.02
C HIS A 118 4.12 9.21 0.43
N ALA A 119 3.65 10.01 -0.52
CA ALA A 119 2.98 11.26 -0.18
C ALA A 119 1.65 11.03 0.52
N VAL A 120 0.87 10.07 0.02
CA VAL A 120 -0.41 9.72 0.67
C VAL A 120 -0.16 9.18 2.06
N HIS A 121 0.85 8.32 2.19
CA HIS A 121 1.16 7.81 3.51
C HIS A 121 1.44 8.95 4.47
N PHE A 122 2.34 9.85 4.09
CA PHE A 122 2.74 10.86 5.03
C PHE A 122 1.56 11.74 5.43
N TYR A 123 0.83 12.27 4.47
CA TYR A 123 -0.24 13.21 4.83
C TYR A 123 -1.44 12.52 5.46
N HIS A 124 -1.90 11.44 4.86
CA HIS A 124 -3.22 10.88 5.24
C HIS A 124 -3.17 9.80 6.30
N LEU A 125 -2.01 9.15 6.44
CA LEU A 125 -1.84 8.13 7.47
C LEU A 125 -0.92 8.58 8.61
N HIS A 126 0.19 9.25 8.29
CA HIS A 126 1.21 9.53 9.31
C HIS A 126 1.06 10.87 10.00
N ALA A 127 0.61 11.89 9.27
CA ALA A 127 0.70 13.27 9.77
C ALA A 127 -0.05 13.48 11.09
N LEU A 128 -1.16 12.77 11.29
CA LEU A 128 -1.93 12.92 12.54
C LEU A 128 -1.20 12.41 13.79
N ASP A 129 -0.05 11.75 13.61
CA ASP A 129 0.80 11.40 14.74
C ASP A 129 1.73 12.54 15.15
N TRP A 130 1.89 13.53 14.27
CA TRP A 130 2.76 14.68 14.50
C TRP A 130 1.99 15.99 14.64
N VAL A 131 0.79 16.03 14.06
CA VAL A 131 -0.01 17.23 13.91
C VAL A 131 -1.27 17.12 14.75
N ASP A 132 -1.51 18.15 15.57
CA ASP A 132 -2.72 18.25 16.37
C ASP A 132 -3.69 19.14 15.59
N VAL A 133 -4.70 18.52 14.99
CA VAL A 133 -5.65 19.25 14.13
C VAL A 133 -6.49 20.26 14.91
N MET A 134 -6.75 19.99 16.18
CA MET A 134 -7.51 20.93 17.02
C MET A 134 -6.68 22.17 17.33
N SER A 135 -5.36 22.02 17.41
CA SER A 135 -4.45 23.15 17.61
C SER A 135 -4.47 24.08 16.40
N ALA A 136 -4.63 23.52 15.20
CA ALA A 136 -4.75 24.31 13.96
C ALA A 136 -5.87 25.35 14.03
N LEU A 137 -6.92 25.06 14.80
CA LEU A 137 -8.02 26.02 15.02
C LEU A 137 -7.56 27.30 15.75
N LYS A 138 -6.54 27.17 16.60
CA LYS A 138 -5.98 28.30 17.35
C LYS A 138 -5.01 29.16 16.51
N ALA A 139 -4.62 28.69 15.33
CA ALA A 139 -3.59 29.36 14.52
C ALA A 139 -4.01 30.74 14.01
N ASP A 140 -3.02 31.62 13.87
CA ASP A 140 -3.20 32.91 13.23
C ASP A 140 -2.86 32.75 11.75
N PRO A 141 -3.82 33.05 10.84
CA PRO A 141 -3.55 32.92 9.40
C PRO A 141 -2.37 33.73 8.86
N LYS A 142 -2.16 34.96 9.38
CA LYS A 142 -1.01 35.77 8.96
C LYS A 142 0.32 35.10 9.34
N ARG A 143 0.41 34.61 10.58
CA ARG A 143 1.62 33.91 11.04
C ARG A 143 1.79 32.57 10.31
N THR A 144 0.69 31.90 9.96
CA THR A 144 0.74 30.69 9.16
C THR A 144 1.30 31.00 7.76
N SER A 145 0.81 32.08 7.16
CA SER A 145 1.33 32.57 5.88
C SER A 145 2.85 32.82 5.97
N GLU A 146 3.26 33.49 7.04
CA GLU A 146 4.68 33.80 7.25
C GLU A 146 5.50 32.51 7.43
N LEU A 147 4.95 31.55 8.17
CA LEU A 147 5.62 30.26 8.36
C LEU A 147 5.76 29.52 7.03
N GLN A 148 4.66 29.47 6.25
CA GLN A 148 4.68 28.83 4.93
C GLN A 148 5.79 29.43 4.04
N GLN A 149 5.90 30.76 4.03
CA GLN A 149 6.91 31.43 3.20
C GLN A 149 8.36 31.11 3.63
N LEU A 150 8.57 30.87 4.92
CA LEU A 150 9.89 30.45 5.43
C LEU A 150 10.17 28.98 5.09
N VAL A 151 9.19 28.12 5.34
CA VAL A 151 9.34 26.67 5.13
C VAL A 151 9.54 26.33 3.65
N SER A 152 8.77 26.98 2.78
CA SER A 152 8.85 26.71 1.33
C SER A 152 8.49 27.97 0.54
N PRO A 153 9.49 28.84 0.30
CA PRO A 153 9.18 30.10 -0.38
C PRO A 153 8.61 29.95 -1.81
N ALA A 154 8.92 28.84 -2.49
CA ALA A 154 8.44 28.63 -3.84
C ALA A 154 6.99 28.11 -3.93
N HIS A 155 6.42 27.67 -2.80
CA HIS A 155 5.04 27.16 -2.83
C HIS A 155 4.05 28.33 -3.00
N PRO A 156 3.32 28.36 -4.14
CA PRO A 156 2.46 29.52 -4.43
C PRO A 156 1.22 29.69 -3.52
N LEU A 157 0.77 28.63 -2.84
CA LEU A 157 -0.43 28.71 -1.99
C LEU A 157 -0.02 29.10 -0.56
N SER A 158 0.20 30.39 -0.35
CA SER A 158 0.79 30.89 0.89
C SER A 158 0.08 32.08 1.59
N SER A 159 -1.00 32.60 1.00
CA SER A 159 -1.62 33.84 1.52
C SER A 159 -2.39 33.59 2.82
N ALA A 160 -2.49 34.64 3.64
CA ALA A 160 -3.25 34.58 4.89
C ALA A 160 -4.72 34.26 4.65
N GLY A 161 -5.29 34.82 3.58
CA GLY A 161 -6.68 34.54 3.19
C GLY A 161 -6.94 33.08 2.88
N TYR A 162 -6.02 32.46 2.15
CA TYR A 162 -6.10 31.03 1.82
C TYR A 162 -6.11 30.19 3.10
N PHE A 163 -5.15 30.45 4.00
CA PHE A 163 -5.10 29.70 5.27
C PHE A 163 -6.32 29.98 6.16
N ARG A 164 -6.83 31.20 6.11
CA ARG A 164 -8.05 31.57 6.84
C ARG A 164 -9.25 30.76 6.36
N ASP A 165 -9.39 30.64 5.03
CA ASP A 165 -10.47 29.84 4.41
C ASP A 165 -10.41 28.38 4.84
N ILE A 166 -9.20 27.80 4.83
CA ILE A 166 -9.01 26.40 5.22
C ILE A 166 -9.38 26.23 6.69
N GLN A 167 -8.86 27.12 7.54
CA GLN A 167 -9.17 27.10 8.98
C GLN A 167 -10.67 27.23 9.23
N ASN A 168 -11.34 28.12 8.49
CA ASN A 168 -12.79 28.30 8.62
C ASN A 168 -13.58 27.04 8.25
N ARG A 169 -13.14 26.32 7.22
CA ARG A 169 -13.81 25.05 6.88
C ARG A 169 -13.60 24.01 7.97
N LEU A 170 -12.38 23.93 8.51
CA LEU A 170 -12.08 23.02 9.63
C LEU A 170 -12.93 23.37 10.86
N LYS A 171 -13.02 24.67 11.16
CA LYS A 171 -13.86 25.17 12.25
C LYS A 171 -15.31 24.70 12.13
N ARG A 172 -15.91 24.93 10.96
CA ARG A 172 -17.31 24.54 10.72
C ARG A 172 -17.49 23.03 10.82
N PHE A 173 -16.54 22.27 10.28
CA PHE A 173 -16.54 20.82 10.37
C PHE A 173 -16.53 20.36 11.83
N VAL A 174 -15.60 20.90 12.62
CA VAL A 174 -15.48 20.56 14.04
C VAL A 174 -16.72 21.02 14.84
N GLU A 175 -17.17 22.24 14.56
CA GLU A 175 -18.36 22.80 15.24
C GLU A 175 -19.67 22.08 14.92
N SER A 176 -19.70 21.28 13.85
CA SER A 176 -20.87 20.44 13.53
C SER A 176 -21.14 19.38 14.61
N GLY A 177 -20.11 19.00 15.36
CA GLY A 177 -20.24 17.93 16.35
C GLY A 177 -20.03 16.54 15.75
N GLN A 178 -19.80 16.48 14.44
CA GLN A 178 -19.54 15.24 13.73
C GLN A 178 -18.10 15.30 13.24
N LEU A 179 -17.19 14.84 14.09
CA LEU A 179 -15.75 14.94 13.83
C LEU A 179 -15.21 13.90 12.85
N GLY A 180 -16.00 12.87 12.55
CA GLY A 180 -15.62 11.88 11.55
C GLY A 180 -14.27 11.23 11.86
N PRO A 181 -13.30 11.32 10.93
CA PRO A 181 -11.97 10.74 11.17
C PRO A 181 -11.17 11.34 12.34
N PHE A 182 -11.60 12.47 12.89
CA PHE A 182 -10.93 13.04 14.05
C PHE A 182 -11.58 12.67 15.39
N MET A 183 -12.66 11.90 15.33
CA MET A 183 -13.41 11.51 16.52
C MET A 183 -12.53 10.73 17.51
N ASN A 184 -12.65 11.05 18.79
CA ASN A 184 -11.90 10.37 19.86
C ASN A 184 -10.38 10.35 19.67
N GLY A 185 -9.85 11.37 18.99
CA GLY A 185 -8.42 11.49 18.75
C GLY A 185 -7.68 11.87 20.01
N TYR A 186 -6.35 11.95 19.91
CA TYR A 186 -5.50 12.20 21.08
C TYR A 186 -5.07 13.67 21.18
N TRP A 187 -5.90 14.55 20.60
CA TRP A 187 -5.62 15.99 20.51
C TRP A 187 -5.37 16.55 21.90
N GLY A 188 -4.36 17.42 22.01
CA GLY A 188 -4.01 18.05 23.29
C GLY A 188 -2.99 17.30 24.11
N SER A 189 -2.64 16.08 23.69
CA SER A 189 -1.58 15.33 24.36
C SER A 189 -0.28 16.11 24.33
N LYS A 190 0.47 16.03 25.42
CA LYS A 190 1.81 16.64 25.49
C LYS A 190 2.80 16.00 24.50
N ALA A 191 2.44 14.83 23.95
CA ALA A 191 3.24 14.23 22.87
C ALA A 191 3.27 15.08 21.59
N TYR A 192 2.27 15.93 21.41
CA TYR A 192 2.24 16.89 20.29
C TYR A 192 3.02 18.14 20.67
N VAL A 193 3.98 18.54 19.81
CA VAL A 193 4.82 19.71 20.13
C VAL A 193 4.74 20.88 19.14
N LEU A 194 4.09 20.71 17.99
CA LEU A 194 4.04 21.78 16.98
C LEU A 194 3.23 22.98 17.46
N PRO A 195 3.63 24.20 17.03
CA PRO A 195 2.79 25.35 17.29
C PRO A 195 1.55 25.34 16.37
N PRO A 196 0.48 26.05 16.76
CA PRO A 196 -0.77 26.13 15.97
C PRO A 196 -0.56 26.36 14.47
N GLU A 197 0.34 27.28 14.13
CA GLU A 197 0.59 27.68 12.74
C GLU A 197 1.12 26.52 11.92
N ALA A 198 2.03 25.74 12.50
CA ALA A 198 2.56 24.53 11.85
C ALA A 198 1.46 23.50 11.64
N ASN A 199 0.58 23.35 12.63
CA ASN A 199 -0.54 22.42 12.52
C ASN A 199 -1.51 22.82 11.39
N LEU A 200 -1.85 24.09 11.31
CA LEU A 200 -2.76 24.58 10.24
C LEU A 200 -2.15 24.38 8.87
N MET A 201 -0.85 24.68 8.75
CA MET A 201 -0.11 24.48 7.52
C MET A 201 -0.20 23.01 7.08
N ALA A 202 0.03 22.10 8.01
CA ALA A 202 -0.03 20.66 7.73
C ALA A 202 -1.44 20.17 7.34
N VAL A 203 -2.46 20.68 8.03
CA VAL A 203 -3.86 20.37 7.68
C VAL A 203 -4.17 20.84 6.26
N THR A 204 -3.72 22.05 5.94
CA THR A 204 -3.91 22.60 4.60
C THR A 204 -3.29 21.68 3.54
N HIS A 205 -2.08 21.21 3.80
CA HIS A 205 -1.37 20.35 2.86
C HIS A 205 -1.98 18.94 2.78
N TYR A 206 -2.56 18.48 3.88
CA TYR A 206 -3.33 17.22 3.90
C TYR A 206 -4.45 17.31 2.87
N LEU A 207 -5.18 18.43 2.89
CA LEU A 207 -6.26 18.64 1.94
C LEU A 207 -5.73 18.79 0.51
N GLU A 208 -4.67 19.59 0.32
CA GLU A 208 -4.04 19.75 -1.01
C GLU A 208 -3.61 18.39 -1.58
N ALA A 209 -2.94 17.59 -0.76
CA ALA A 209 -2.47 16.27 -1.18
C ALA A 209 -3.61 15.32 -1.53
N LEU A 210 -4.72 15.39 -0.79
CA LEU A 210 -5.87 14.54 -1.06
C LEU A 210 -6.45 14.83 -2.45
N ASP A 211 -6.51 16.10 -2.82
CA ASP A 211 -6.98 16.50 -4.15
C ASP A 211 -5.98 16.15 -5.26
N LEU A 212 -4.68 16.35 -5.01
CA LEU A 212 -3.65 16.15 -6.03
C LEU A 212 -3.29 14.71 -6.32
N GLN A 213 -3.38 13.84 -5.31
CA GLN A 213 -2.93 12.46 -5.48
C GLN A 213 -3.63 11.71 -6.61
N LYS A 214 -4.88 12.07 -6.88
CA LYS A 214 -5.65 11.42 -7.94
C LYS A 214 -5.14 11.75 -9.35
N GLU A 215 -4.41 12.87 -9.47
CA GLU A 215 -3.84 13.26 -10.76
C GLU A 215 -2.60 12.43 -11.07
N TRP A 216 -1.77 12.19 -10.05
CA TRP A 216 -0.48 11.50 -10.25
C TRP A 216 -0.66 10.10 -10.84
N VAL A 217 -1.67 9.39 -10.35
CA VAL A 217 -1.94 8.03 -10.77
C VAL A 217 -2.44 7.89 -12.21
N LYS A 218 -2.80 9.01 -12.85
CA LYS A 218 -3.22 8.95 -14.26
C LYS A 218 -2.08 8.44 -15.15
N ILE A 219 -0.83 8.51 -14.66
CA ILE A 219 0.30 7.87 -15.36
C ILE A 219 0.08 6.35 -15.43
N HIS A 220 -0.27 5.73 -14.30
CA HIS A 220 -0.68 4.32 -14.31
C HIS A 220 -1.84 4.08 -15.26
N THR A 221 -2.81 4.98 -15.28
CA THR A 221 -3.99 4.77 -16.12
C THR A 221 -3.61 4.76 -17.59
N ILE A 222 -2.71 5.64 -17.99
CA ILE A 222 -2.28 5.67 -19.39
C ILE A 222 -1.62 4.34 -19.77
N PHE A 223 -0.65 3.91 -18.99
CA PHE A 223 0.15 2.75 -19.39
C PHE A 223 -0.46 1.40 -19.01
N GLY A 224 -1.31 1.41 -17.99
CA GLY A 224 -1.86 0.21 -17.36
C GLY A 224 -3.37 0.12 -17.29
N GLY A 225 -4.08 1.09 -17.87
CA GLY A 225 -5.53 1.06 -17.99
C GLY A 225 -6.36 1.56 -16.85
N LYS A 226 -5.82 1.50 -15.62
CA LYS A 226 -6.59 1.80 -14.43
C LYS A 226 -5.66 1.93 -13.24
N ASN A 227 -6.12 2.67 -12.24
CA ASN A 227 -5.49 2.70 -10.92
C ASN A 227 -6.61 2.85 -9.89
N PRO A 228 -6.65 2.02 -8.84
CA PRO A 228 -5.67 0.95 -8.57
C PRO A 228 -5.67 -0.22 -9.57
N HIS A 229 -4.64 -1.06 -9.44
CA HIS A 229 -4.48 -2.33 -10.15
C HIS A 229 -4.30 -2.24 -11.65
N PRO A 230 -3.27 -1.49 -12.08
CA PRO A 230 -2.98 -1.41 -13.51
C PRO A 230 -2.52 -2.76 -14.06
N ASN A 231 -2.70 -2.96 -15.35
CA ASN A 231 -2.33 -4.21 -15.97
C ASN A 231 -0.86 -4.27 -16.36
N TYR A 232 -0.29 -5.46 -16.23
CA TYR A 232 1.08 -5.78 -16.59
C TYR A 232 1.05 -6.90 -17.62
N LEU A 233 2.23 -7.37 -18.03
CA LEU A 233 2.33 -8.40 -19.06
C LEU A 233 3.67 -9.09 -18.99
N VAL A 234 3.66 -10.43 -18.99
CA VAL A 234 4.90 -11.19 -19.11
C VAL A 234 5.45 -10.96 -20.53
N GLY A 235 6.66 -10.41 -20.60
CA GLY A 235 7.33 -10.14 -21.86
C GLY A 235 7.39 -8.68 -22.24
N GLY A 236 6.68 -7.82 -21.51
CA GLY A 236 6.76 -6.39 -21.79
C GLY A 236 5.62 -5.63 -21.20
N VAL A 237 4.99 -4.78 -22.01
CA VAL A 237 3.82 -4.03 -21.58
C VAL A 237 2.75 -4.12 -22.65
N PRO A 238 1.47 -4.03 -22.26
CA PRO A 238 0.38 -4.09 -23.27
C PRO A 238 0.13 -2.82 -24.06
N CYS A 239 0.67 -1.70 -23.60
CA CYS A 239 0.34 -0.38 -24.15
C CYS A 239 1.18 -0.10 -25.39
N ALA A 240 0.74 -0.69 -26.51
CA ALA A 240 1.42 -0.57 -27.79
C ALA A 240 1.53 0.88 -28.26
N ILE A 241 2.64 1.15 -28.95
CA ILE A 241 3.03 2.51 -29.39
C ILE A 241 2.78 2.73 -30.89
N ASN A 242 2.17 3.87 -31.21
CA ASN A 242 1.94 4.28 -32.59
C ASN A 242 1.74 5.79 -32.61
N LEU A 243 2.72 6.50 -33.14
CA LEU A 243 2.65 7.98 -33.21
C LEU A 243 1.67 8.51 -34.28
N ASP A 244 1.74 7.99 -35.50
CA ASP A 244 0.96 8.57 -36.63
C ASP A 244 -0.36 7.89 -36.92
N GLY A 247 -2.78 5.81 -35.56
CA GLY A 247 -2.25 5.93 -34.20
C GLY A 247 -2.89 7.02 -33.36
N ALA A 248 -3.61 7.93 -34.00
CA ALA A 248 -4.24 9.09 -33.33
C ALA A 248 -5.40 8.63 -32.45
N ALA A 249 -5.05 8.18 -31.25
CA ALA A 249 -5.98 7.56 -30.29
C ALA A 249 -6.47 6.22 -30.86
N SER A 250 -5.68 5.69 -31.79
CA SER A 250 -5.88 4.38 -32.38
C SER A 250 -5.02 3.37 -31.60
N ALA A 251 -3.84 3.79 -31.13
CA ALA A 251 -3.00 2.95 -30.26
C ALA A 251 -3.02 3.41 -28.80
N PRO A 252 -2.74 2.49 -27.86
CA PRO A 252 -2.64 2.88 -26.45
C PRO A 252 -1.71 4.06 -26.16
N VAL A 253 -0.56 4.12 -26.83
CA VAL A 253 0.41 5.18 -26.56
C VAL A 253 0.78 5.90 -27.85
N ASN A 254 0.47 7.19 -27.88
CA ASN A 254 0.89 8.09 -28.94
C ASN A 254 1.57 9.29 -28.28
N MET A 255 2.00 10.27 -29.08
CA MET A 255 2.73 11.38 -28.51
C MET A 255 1.88 12.21 -27.52
N GLU A 256 0.59 12.38 -27.82
CA GLU A 256 -0.30 13.13 -26.93
C GLU A 256 -0.36 12.48 -25.55
N ARG A 257 -0.46 11.15 -25.52
CA ARG A 257 -0.49 10.41 -24.27
C ARG A 257 0.81 10.58 -23.52
N LEU A 258 1.95 10.54 -24.22
CA LEU A 258 3.24 10.77 -23.57
C LEU A 258 3.39 12.21 -23.05
N SER A 259 2.88 13.20 -23.78
CA SER A 259 2.88 14.59 -23.29
C SER A 259 2.06 14.73 -22.01
N PHE A 260 0.93 14.04 -21.96
CA PHE A 260 0.08 14.00 -20.78
C PHE A 260 0.86 13.45 -19.59
N VAL A 261 1.55 12.35 -19.81
CA VAL A 261 2.38 11.74 -18.74
C VAL A 261 3.43 12.75 -18.24
N LYS A 262 4.11 13.44 -19.14
CA LYS A 262 5.13 14.41 -18.74
C LYS A 262 4.54 15.54 -17.90
N ALA A 263 3.35 16.02 -18.27
CA ALA A 263 2.66 17.06 -17.48
C ALA A 263 2.43 16.58 -16.05
N ARG A 264 2.01 15.34 -15.90
CA ARG A 264 1.78 14.76 -14.56
C ARG A 264 3.10 14.63 -13.79
N ILE A 265 4.18 14.21 -14.47
CA ILE A 265 5.49 14.11 -13.83
C ILE A 265 5.97 15.48 -13.32
N ASP A 266 5.79 16.51 -14.13
CA ASP A 266 6.23 17.85 -13.74
C ASP A 266 5.49 18.33 -12.48
N GLU A 267 4.20 18.02 -12.39
CA GLU A 267 3.38 18.33 -11.22
C GLU A 267 3.89 17.62 -9.98
N ILE A 268 4.25 16.34 -10.15
CA ILE A 268 4.82 15.53 -9.07
C ILE A 268 6.09 16.17 -8.53
N ILE A 269 6.98 16.57 -9.43
CA ILE A 269 8.24 17.21 -9.04
C ILE A 269 7.99 18.48 -8.22
N GLU A 270 7.03 19.29 -8.63
CA GLU A 270 6.70 20.50 -7.88
C GLU A 270 6.16 20.17 -6.48
N PHE A 271 5.28 19.18 -6.38
CA PHE A 271 4.71 18.81 -5.09
C PHE A 271 5.80 18.30 -4.14
N ASN A 272 6.66 17.41 -4.59
CA ASN A 272 7.72 16.89 -3.73
C ASN A 272 8.66 17.99 -3.24
N LYS A 273 9.05 18.90 -4.12
CA LYS A 273 10.02 19.93 -3.82
C LYS A 273 9.44 21.06 -2.96
N ASN A 274 8.18 21.41 -3.20
CA ASN A 274 7.57 22.58 -2.57
C ASN A 274 6.69 22.28 -1.37
N VAL A 275 6.18 21.06 -1.27
CA VAL A 275 5.22 20.74 -0.21
C VAL A 275 5.75 19.66 0.71
N TYR A 276 5.99 18.48 0.15
CA TYR A 276 6.28 17.29 0.94
C TYR A 276 7.64 17.36 1.67
N VAL A 277 8.73 17.52 0.93
CA VAL A 277 10.06 17.54 1.57
C VAL A 277 10.18 18.69 2.58
N PRO A 278 9.78 19.92 2.20
CA PRO A 278 9.89 21.00 3.20
C PRO A 278 9.04 20.77 4.46
N ASP A 279 7.84 20.21 4.31
CA ASP A 279 7.01 19.92 5.50
C ASP A 279 7.69 18.93 6.43
N VAL A 280 8.24 17.87 5.85
CA VAL A 280 8.88 16.84 6.65
C VAL A 280 10.15 17.41 7.32
N LEU A 281 10.91 18.21 6.59
CA LEU A 281 12.10 18.84 7.17
C LEU A 281 11.74 19.74 8.35
N ALA A 282 10.66 20.52 8.20
CA ALA A 282 10.22 21.45 9.24
C ALA A 282 9.68 20.71 10.47
N ILE A 283 8.78 19.76 10.24
CA ILE A 283 8.21 18.98 11.34
C ILE A 283 9.31 18.19 12.03
N GLY A 284 10.19 17.57 11.24
CA GLY A 284 11.34 16.85 11.78
C GLY A 284 12.24 17.72 12.64
N THR A 285 12.47 18.95 12.21
CA THR A 285 13.31 19.87 12.94
C THR A 285 12.69 20.18 14.32
N LEU A 286 11.39 20.46 14.32
CA LEU A 286 10.69 20.82 15.56
C LEU A 286 10.65 19.64 16.55
N TYR A 287 10.41 18.42 16.06
CA TYR A 287 10.45 17.24 16.95
C TYR A 287 11.89 16.90 17.41
N LYS A 288 12.88 17.18 16.56
CA LYS A 288 14.28 17.06 16.94
C LYS A 288 14.59 18.01 18.10
N GLN A 289 14.14 19.26 17.96
CA GLN A 289 14.32 20.28 19.00
C GLN A 289 13.67 19.87 20.34
N ALA A 290 12.55 19.17 20.26
CA ALA A 290 11.89 18.60 21.44
C ALA A 290 12.60 17.37 22.01
N GLY A 291 13.63 16.88 21.33
CA GLY A 291 14.40 15.72 21.76
C GLY A 291 13.81 14.37 21.39
N TRP A 292 12.87 14.33 20.45
CA TRP A 292 12.18 13.08 20.14
C TRP A 292 12.92 12.30 19.04
N LEU A 293 14.05 11.72 19.41
CA LEU A 293 14.90 10.95 18.49
C LEU A 293 14.77 9.42 18.65
N TYR A 294 13.66 9.00 19.24
CA TYR A 294 13.37 7.58 19.44
C TYR A 294 13.01 6.88 18.14
N GLY A 295 13.00 5.56 18.20
CA GLY A 295 12.47 4.75 17.13
C GLY A 295 13.45 4.16 16.16
N GLY A 296 14.75 4.29 16.43
CA GLY A 296 15.78 3.79 15.52
C GLY A 296 15.72 2.29 15.29
N GLY A 297 15.48 1.52 16.37
CA GLY A 297 15.35 0.08 16.25
C GLY A 297 16.54 -0.55 15.55
N LEU A 298 16.28 -1.39 14.55
CA LEU A 298 17.34 -2.08 13.80
C LEU A 298 18.07 -1.20 12.79
N ALA A 299 17.52 -0.02 12.47
CA ALA A 299 18.16 0.87 11.49
C ALA A 299 19.55 1.31 11.94
N ALA A 300 19.77 1.32 13.26
CA ALA A 300 21.06 1.65 13.82
C ALA A 300 22.11 0.58 13.57
N THR A 301 21.68 -0.64 13.24
CA THR A 301 22.61 -1.74 13.02
C THR A 301 22.49 -2.43 11.66
N ASN A 302 21.32 -2.99 11.36
CA ASN A 302 21.15 -3.92 10.25
C ASN A 302 20.11 -3.45 9.24
N VAL A 303 20.54 -3.14 8.01
CA VAL A 303 19.61 -2.70 6.96
C VAL A 303 19.88 -3.46 5.66
N LEU A 304 18.82 -3.65 4.87
CA LEU A 304 18.89 -4.45 3.64
C LEU A 304 17.99 -3.88 2.57
N ASP A 305 18.47 -3.92 1.33
CA ASP A 305 17.62 -3.74 0.13
C ASP A 305 18.24 -4.53 -1.01
N TYR A 306 17.42 -4.98 -1.97
CA TYR A 306 17.97 -5.73 -3.10
C TYR A 306 18.70 -4.86 -4.11
N GLY A 307 18.44 -3.55 -4.11
CA GLY A 307 19.04 -2.64 -5.11
C GLY A 307 18.11 -2.55 -6.29
N GLU A 308 17.97 -1.34 -6.84
N GLU A 308 17.92 -1.35 -6.84
CA GLU A 308 16.96 -1.09 -7.86
CA GLU A 308 16.91 -1.12 -7.87
C GLU A 308 17.30 0.10 -8.76
C GLU A 308 17.26 0.09 -8.74
N TYR A 309 16.60 0.16 -9.89
CA TYR A 309 16.65 1.31 -10.83
C TYR A 309 17.98 1.44 -11.53
N PRO A 310 18.38 0.37 -12.25
CA PRO A 310 19.65 0.43 -12.98
C PRO A 310 19.58 1.42 -14.14
N ASN A 311 20.62 2.26 -14.28
CA ASN A 311 20.77 3.14 -15.46
C ASN A 311 20.78 2.37 -16.76
N VAL A 312 21.37 1.18 -16.72
CA VAL A 312 21.42 0.28 -17.86
C VAL A 312 20.65 -0.97 -17.47
N ALA A 313 19.59 -1.27 -18.21
CA ALA A 313 18.75 -2.43 -17.92
C ALA A 313 19.57 -3.71 -17.83
N TYR A 314 19.22 -4.54 -16.84
CA TYR A 314 19.89 -5.82 -16.57
C TYR A 314 21.38 -5.66 -16.13
N ASN A 315 21.81 -4.45 -15.76
CA ASN A 315 23.17 -4.20 -15.26
C ASN A 315 23.08 -3.64 -13.86
N LYS A 316 23.23 -4.53 -12.89
CA LYS A 316 22.97 -4.19 -11.50
C LYS A 316 24.00 -3.24 -10.88
N SER A 317 25.22 -3.22 -11.43
CA SER A 317 26.23 -2.26 -10.95
C SER A 317 25.78 -0.79 -11.15
N THR A 318 24.80 -0.56 -12.03
CA THR A 318 24.30 0.80 -12.31
C THR A 318 23.03 1.18 -11.52
N ASP A 319 22.65 0.37 -10.52
CA ASP A 319 21.49 0.70 -9.67
C ASP A 319 21.60 2.10 -9.06
N GLN A 320 20.55 2.91 -9.25
CA GLN A 320 20.49 4.27 -8.73
C GLN A 320 20.05 4.32 -7.27
N LEU A 321 19.45 3.22 -6.81
CA LEU A 321 19.31 2.96 -5.37
C LEU A 321 20.06 1.66 -5.13
N PRO A 322 21.39 1.75 -5.00
CA PRO A 322 22.19 0.54 -4.87
C PRO A 322 21.96 -0.13 -3.52
N GLY A 323 21.86 -1.45 -3.54
CA GLY A 323 21.48 -2.21 -2.37
C GLY A 323 22.60 -3.00 -1.73
N GLY A 324 22.19 -4.02 -1.01
CA GLY A 324 23.09 -4.86 -0.25
C GLY A 324 22.62 -4.90 1.17
N ALA A 325 23.52 -5.31 2.07
CA ALA A 325 23.24 -5.43 3.48
C ALA A 325 24.36 -4.79 4.31
N ILE A 326 23.94 -4.06 5.35
CA ILE A 326 24.84 -3.50 6.36
C ILE A 326 24.52 -4.22 7.67
N LEU A 327 25.57 -4.57 8.41
CA LEU A 327 25.44 -5.19 9.73
C LEU A 327 26.16 -4.39 10.79
N ASN A 328 25.62 -4.43 12.01
CA ASN A 328 26.28 -3.89 13.21
C ASN A 328 26.62 -2.40 13.15
N GLY A 329 25.87 -1.65 12.33
CA GLY A 329 26.06 -0.22 12.21
C GLY A 329 27.34 0.16 11.48
N ASN A 330 27.94 -0.81 10.80
CA ASN A 330 29.17 -0.54 10.06
C ASN A 330 28.86 -0.09 8.63
N TRP A 331 28.83 1.22 8.44
CA TRP A 331 28.50 1.82 7.14
C TRP A 331 29.69 1.82 6.17
N ASP A 332 30.85 1.31 6.60
CA ASP A 332 32.01 1.19 5.73
C ASP A 332 32.06 -0.14 4.98
N GLU A 333 31.10 -1.04 5.22
CA GLU A 333 31.10 -2.36 4.59
C GLU A 333 29.70 -2.77 4.17
N VAL A 334 29.45 -2.75 2.85
CA VAL A 334 28.16 -3.21 2.32
C VAL A 334 28.35 -4.61 1.73
N PHE A 335 27.64 -5.58 2.28
CA PHE A 335 27.68 -6.95 1.79
C PHE A 335 26.71 -7.10 0.61
N PRO A 336 27.14 -7.84 -0.44
CA PRO A 336 26.21 -8.08 -1.55
C PRO A 336 25.08 -9.02 -1.14
N VAL A 337 23.90 -8.79 -1.69
CA VAL A 337 22.72 -9.61 -1.39
C VAL A 337 22.31 -10.31 -2.67
N ASP A 338 22.18 -11.63 -2.58
CA ASP A 338 21.82 -12.47 -3.72
C ASP A 338 20.52 -13.21 -3.40
N PRO A 339 19.41 -12.83 -4.06
CA PRO A 339 18.14 -13.51 -3.85
C PRO A 339 18.10 -14.99 -4.27
N ARG A 340 19.10 -15.44 -5.04
CA ARG A 340 19.17 -16.84 -5.50
C ARG A 340 19.88 -17.77 -4.51
N ASP A 341 20.61 -17.20 -3.56
CA ASP A 341 21.43 -17.96 -2.62
C ASP A 341 20.58 -18.53 -1.49
N SER A 342 20.54 -19.85 -1.37
CA SER A 342 19.67 -20.50 -0.36
C SER A 342 20.05 -20.19 1.10
N GLN A 343 21.28 -19.73 1.32
CA GLN A 343 21.77 -19.39 2.66
C GLN A 343 21.58 -17.93 3.06
N GLN A 344 21.01 -17.11 2.16
CA GLN A 344 20.82 -15.69 2.44
C GLN A 344 19.40 -15.41 2.93
N VAL A 345 18.45 -15.16 2.03
CA VAL A 345 17.08 -14.90 2.45
C VAL A 345 16.40 -16.21 2.87
N GLN A 346 15.97 -16.27 4.12
CA GLN A 346 15.24 -17.44 4.64
C GLN A 346 14.11 -16.96 5.53
N GLU A 347 13.03 -17.74 5.59
CA GLU A 347 11.89 -17.43 6.44
C GLU A 347 11.64 -18.50 7.49
N PHE A 348 11.55 -18.05 8.75
CA PHE A 348 11.22 -18.90 9.89
C PHE A 348 9.73 -18.77 10.20
N VAL A 349 9.16 -19.81 10.82
CA VAL A 349 7.76 -19.75 11.28
C VAL A 349 7.62 -20.16 12.75
N SER A 350 8.73 -20.16 13.48
CA SER A 350 8.75 -20.54 14.89
C SER A 350 7.69 -19.82 15.73
N HIS A 351 7.50 -18.54 15.46
CA HIS A 351 6.53 -17.71 16.19
C HIS A 351 5.39 -17.21 15.30
N SER A 352 5.16 -17.92 14.19
CA SER A 352 4.13 -17.59 13.19
C SER A 352 3.09 -18.70 13.11
N TRP A 353 1.89 -18.36 12.65
CA TRP A 353 0.79 -19.34 12.56
C TRP A 353 0.88 -20.20 11.27
N TYR A 354 2.02 -20.86 11.11
CA TYR A 354 2.28 -21.79 10.00
C TYR A 354 3.01 -22.97 10.57
N LYS A 355 3.19 -24.00 9.73
N LYS A 355 3.20 -23.99 9.74
CA LYS A 355 3.86 -25.23 10.13
CA LYS A 355 3.94 -25.17 10.17
C LYS A 355 4.91 -25.62 9.09
C LYS A 355 4.92 -25.60 9.10
N TYR A 356 6.10 -26.01 9.56
CA TYR A 356 7.12 -26.62 8.74
C TYR A 356 7.33 -27.99 9.35
N ALA A 357 7.92 -28.87 8.58
CA ALA A 357 8.38 -30.14 9.08
C ALA A 357 9.31 -29.88 10.29
N ASP A 358 10.32 -29.04 10.06
CA ASP A 358 11.28 -28.65 11.09
C ASP A 358 11.29 -27.13 11.21
N GLU A 359 10.74 -26.62 12.32
CA GLU A 359 10.68 -25.16 12.55
C GLU A 359 11.95 -24.56 13.17
N SER A 360 13.00 -25.37 13.36
N SER A 360 12.99 -25.37 13.37
CA SER A 360 14.28 -24.87 13.82
CA SER A 360 14.30 -24.88 13.81
C SER A 360 15.10 -24.26 12.68
C SER A 360 15.08 -24.23 12.69
N VAL A 361 14.61 -24.41 11.44
CA VAL A 361 15.32 -23.88 10.27
C VAL A 361 14.46 -22.88 9.50
N GLY A 362 15.14 -22.02 8.76
CA GLY A 362 14.51 -21.08 7.87
C GLY A 362 14.60 -21.59 6.45
N LEU A 363 13.54 -21.41 5.69
CA LEU A 363 13.49 -21.87 4.29
C LEU A 363 13.69 -20.72 3.33
N HIS A 364 14.60 -20.93 2.37
CA HIS A 364 14.73 -20.01 1.25
C HIS A 364 13.43 -20.12 0.43
N PRO A 365 12.97 -18.99 -0.17
CA PRO A 365 11.60 -19.03 -0.75
C PRO A 365 11.37 -20.01 -1.92
N TRP A 366 12.42 -20.38 -2.67
CA TRP A 366 12.28 -21.45 -3.68
C TRP A 366 11.91 -22.79 -3.04
N ASP A 367 12.17 -22.94 -1.74
CA ASP A 367 11.82 -24.12 -0.95
C ASP A 367 10.74 -23.80 0.08
N GLY A 368 10.05 -22.68 -0.10
CA GLY A 368 9.11 -22.19 0.89
C GLY A 368 7.85 -23.02 0.99
N VAL A 369 7.22 -22.94 2.17
CA VAL A 369 6.04 -23.72 2.50
C VAL A 369 5.06 -22.80 3.24
N THR A 370 3.79 -22.86 2.86
CA THR A 370 2.75 -22.06 3.49
C THR A 370 1.56 -22.94 3.88
N GLU A 371 1.63 -23.51 5.08
CA GLU A 371 0.57 -24.35 5.63
C GLU A 371 0.12 -23.70 6.92
N PRO A 372 -1.15 -23.21 6.96
CA PRO A 372 -1.59 -22.49 8.15
C PRO A 372 -1.66 -23.36 9.39
N ASN A 373 -1.43 -22.73 10.54
CA ASN A 373 -1.48 -23.40 11.83
C ASN A 373 -1.83 -22.38 12.92
N TYR A 374 -3.11 -22.04 12.99
CA TYR A 374 -3.59 -21.07 13.96
C TYR A 374 -3.77 -21.76 15.32
N VAL A 375 -2.85 -21.46 16.25
CA VAL A 375 -2.80 -22.08 17.57
C VAL A 375 -2.19 -21.05 18.54
N LEU A 376 -2.81 -20.90 19.70
CA LEU A 376 -2.38 -19.92 20.70
C LEU A 376 -1.64 -20.59 21.84
N GLY A 377 -0.67 -19.86 22.39
CA GLY A 377 0.17 -20.38 23.47
C GLY A 377 -0.51 -20.54 24.82
N ALA A 378 0.16 -21.25 25.70
CA ALA A 378 -0.37 -21.57 27.03
C ALA A 378 -0.59 -20.36 27.95
N ASN A 379 0.22 -19.32 27.80
N ASN A 379 0.22 -19.32 27.80
CA ASN A 379 0.11 -18.09 28.61
CA ASN A 379 0.10 -18.11 28.62
C ASN A 379 -0.85 -17.04 28.03
C ASN A 379 -0.82 -17.04 28.01
N THR A 380 -1.60 -17.41 27.00
CA THR A 380 -2.60 -16.53 26.41
C THR A 380 -3.65 -16.14 27.45
N LYS A 381 -4.00 -14.86 27.50
N LYS A 381 -4.01 -14.87 27.48
CA LYS A 381 -5.12 -14.39 28.29
CA LYS A 381 -5.11 -14.39 28.29
C LYS A 381 -6.31 -14.30 27.32
C LYS A 381 -6.31 -14.27 27.35
N GLY A 382 -7.34 -15.10 27.58
CA GLY A 382 -8.53 -15.15 26.74
C GLY A 382 -8.69 -16.52 26.10
N THR A 383 -9.45 -16.56 25.00
CA THR A 383 -9.72 -17.80 24.28
C THR A 383 -9.25 -17.71 22.83
N ARG A 384 -9.32 -18.84 22.14
CA ARG A 384 -9.01 -18.92 20.70
C ARG A 384 -9.70 -17.86 19.83
N THR A 385 -10.92 -17.47 20.20
CA THR A 385 -11.68 -16.48 19.43
C THR A 385 -11.94 -15.18 20.19
N ARG A 386 -11.26 -15.00 21.32
CA ARG A 386 -11.39 -13.77 22.11
C ARG A 386 -10.11 -13.56 22.91
N ILE A 387 -9.12 -12.99 22.23
CA ILE A 387 -7.79 -12.79 22.79
C ILE A 387 -7.78 -11.48 23.57
N GLU A 388 -7.37 -11.54 24.85
CA GLU A 388 -7.19 -10.35 25.68
C GLU A 388 -5.70 -9.93 25.70
N GLN A 389 -4.82 -10.90 25.86
N GLN A 389 -4.81 -10.89 25.86
CA GLN A 389 -3.37 -10.68 25.82
CA GLN A 389 -3.38 -10.65 25.80
C GLN A 389 -2.72 -11.85 25.07
C GLN A 389 -2.70 -11.83 25.10
N ILE A 390 -2.08 -11.55 23.95
CA ILE A 390 -1.44 -12.57 23.13
C ILE A 390 -0.16 -13.08 23.80
N ASP A 391 0.16 -14.36 23.54
CA ASP A 391 1.33 -15.02 24.13
C ASP A 391 2.48 -15.07 23.13
N GLU A 392 3.37 -14.09 23.23
CA GLU A 392 4.50 -13.98 22.29
C GLU A 392 5.63 -14.99 22.51
N SER A 393 5.52 -15.83 23.54
CA SER A 393 6.48 -16.93 23.71
C SER A 393 6.17 -18.08 22.74
N ALA A 394 4.98 -18.06 22.13
CA ALA A 394 4.55 -19.10 21.21
C ALA A 394 4.24 -18.46 19.85
N LYS A 395 3.31 -19.02 19.08
CA LYS A 395 2.97 -18.44 17.77
C LYS A 395 2.00 -17.28 17.92
N TYR A 396 2.34 -16.13 17.34
CA TYR A 396 1.56 -14.92 17.59
C TYR A 396 1.34 -14.00 16.39
N SER A 397 1.47 -14.50 15.18
CA SER A 397 1.32 -13.66 13.99
C SER A 397 1.12 -14.47 12.73
N TRP A 398 0.36 -13.89 11.77
CA TRP A 398 0.22 -14.44 10.42
C TRP A 398 1.42 -14.04 9.53
N ILE A 399 2.37 -13.27 10.07
CA ILE A 399 3.56 -12.84 9.32
C ILE A 399 4.68 -13.84 9.59
N LYS A 400 5.32 -14.33 8.51
CA LYS A 400 6.53 -15.15 8.63
C LYS A 400 7.72 -14.29 9.10
N SER A 401 8.85 -14.94 9.42
CA SER A 401 10.02 -14.24 9.93
C SER A 401 11.20 -14.33 8.96
N PRO A 402 11.30 -13.35 8.04
CA PRO A 402 12.45 -13.38 7.14
C PRO A 402 13.72 -12.88 7.80
N ARG A 403 14.84 -13.52 7.47
CA ARG A 403 16.14 -13.15 7.97
C ARG A 403 17.13 -13.25 6.82
N TRP A 404 18.25 -12.53 6.94
CA TRP A 404 19.31 -12.55 5.95
C TRP A 404 20.56 -13.14 6.59
N ARG A 405 20.99 -14.31 6.12
CA ARG A 405 22.08 -15.07 6.75
C ARG A 405 21.86 -15.17 8.26
N GLY A 406 20.59 -15.34 8.65
CA GLY A 406 20.21 -15.43 10.06
C GLY A 406 20.01 -14.12 10.80
N HIS A 407 20.36 -13.00 10.17
CA HIS A 407 20.27 -11.68 10.82
C HIS A 407 18.92 -11.04 10.60
N ALA A 408 18.43 -10.33 11.61
CA ALA A 408 17.21 -9.55 11.48
C ALA A 408 17.57 -8.19 10.92
N MET A 409 16.81 -7.78 9.89
CA MET A 409 17.12 -6.58 9.12
C MET A 409 15.91 -5.66 9.07
N GLU A 410 16.18 -4.35 9.01
CA GLU A 410 15.14 -3.37 8.64
C GLU A 410 15.24 -3.13 7.13
N VAL A 411 14.08 -2.97 6.50
CA VAL A 411 13.98 -2.62 5.09
C VAL A 411 13.13 -1.37 4.95
N GLY A 412 13.23 -0.72 3.79
CA GLY A 412 12.44 0.47 3.50
C GLY A 412 13.26 1.62 2.97
N PRO A 413 12.61 2.77 2.76
CA PRO A 413 13.33 3.94 2.24
C PRO A 413 14.55 4.32 3.10
N LEU A 414 14.42 4.24 4.43
CA LEU A 414 15.54 4.54 5.30
C LEU A 414 16.71 3.58 5.03
N SER A 415 16.43 2.29 4.95
CA SER A 415 17.46 1.31 4.63
C SER A 415 18.15 1.65 3.30
N ARG A 416 17.34 1.98 2.30
CA ARG A 416 17.88 2.35 0.99
C ARG A 416 18.75 3.61 1.04
N TYR A 417 18.37 4.58 1.85
CA TYR A 417 19.15 5.81 1.99
C TYR A 417 20.45 5.60 2.77
N ILE A 418 20.42 4.77 3.80
CA ILE A 418 21.64 4.40 4.52
C ILE A 418 22.58 3.66 3.57
N LEU A 419 22.04 2.70 2.82
CA LEU A 419 22.83 1.97 1.82
C LEU A 419 23.40 2.89 0.75
N ALA A 420 22.56 3.80 0.25
CA ALA A 420 23.01 4.76 -0.77
C ALA A 420 24.16 5.63 -0.25
N TYR A 421 24.01 6.08 0.99
CA TYR A 421 25.03 6.88 1.65
C TYR A 421 26.35 6.10 1.76
N ALA A 422 26.24 4.85 2.22
CA ALA A 422 27.40 3.98 2.38
C ALA A 422 28.10 3.73 1.02
N HIS A 423 27.29 3.45 -0.01
CA HIS A 423 27.80 3.25 -1.36
C HIS A 423 28.50 4.51 -1.88
N ALA A 424 27.85 5.66 -1.71
CA ALA A 424 28.43 6.93 -2.16
C ALA A 424 29.76 7.23 -1.48
N ARG A 425 29.86 6.94 -0.18
CA ARG A 425 31.12 7.13 0.55
C ARG A 425 32.22 6.16 0.07
N SER A 426 31.84 4.99 -0.43
CA SER A 426 32.81 4.04 -0.98
C SER A 426 33.20 4.34 -2.45
N GLY A 427 32.63 5.39 -3.04
CA GLY A 427 32.97 5.83 -4.40
C GLY A 427 31.94 5.54 -5.49
N ASN A 428 30.79 4.99 -5.12
CA ASN A 428 29.69 4.72 -6.06
C ASN A 428 29.05 6.03 -6.52
N LYS A 429 29.21 6.36 -7.79
CA LYS A 429 28.69 7.64 -8.30
C LYS A 429 27.19 7.62 -8.61
N TYR A 430 26.60 6.43 -8.76
CA TYR A 430 25.16 6.30 -9.01
C TYR A 430 24.33 6.69 -7.79
N ALA A 431 24.96 6.74 -6.61
CA ALA A 431 24.29 7.11 -5.36
C ALA A 431 24.52 8.58 -4.97
N GLU A 432 25.06 9.38 -5.88
CA GLU A 432 25.42 10.76 -5.55
C GLU A 432 24.20 11.61 -5.14
N ARG A 433 23.07 11.43 -5.83
CA ARG A 433 21.88 12.24 -5.53
C ARG A 433 21.31 12.00 -4.12
N PRO A 434 21.08 10.72 -3.72
CA PRO A 434 20.64 10.47 -2.34
C PRO A 434 21.60 11.03 -1.29
N LYS A 435 22.91 10.90 -1.52
CA LYS A 435 23.89 11.48 -0.61
C LYS A 435 23.72 13.00 -0.50
N GLU A 436 23.55 13.67 -1.65
CA GLU A 436 23.31 15.11 -1.68
C GLU A 436 22.05 15.49 -0.89
N GLN A 437 20.97 14.74 -1.11
CA GLN A 437 19.71 14.98 -0.39
C GLN A 437 19.87 14.88 1.13
N LEU A 438 20.63 13.86 1.57
CA LEU A 438 20.87 13.66 3.00
C LEU A 438 21.69 14.78 3.62
N GLU A 439 22.77 15.16 2.95
CA GLU A 439 23.63 16.24 3.44
C GLU A 439 22.87 17.57 3.49
N TYR A 440 22.06 17.83 2.46
CA TYR A 440 21.19 19.01 2.44
C TYR A 440 20.21 18.97 3.60
N SER A 441 19.56 17.82 3.78
CA SER A 441 18.58 17.63 4.86
C SER A 441 19.18 17.85 6.25
N ALA A 442 20.37 17.27 6.48
CA ALA A 442 21.04 17.43 7.77
C ALA A 442 21.33 18.90 8.06
N GLN A 443 21.78 19.64 7.04
CA GLN A 443 22.08 21.08 7.20
C GLN A 443 20.81 21.90 7.47
N MET A 444 19.71 21.54 6.82
CA MET A 444 18.41 22.19 7.07
C MET A 444 17.93 21.93 8.49
N ILE A 445 17.99 20.67 8.91
CA ILE A 445 17.48 20.26 10.22
C ILE A 445 18.33 20.79 11.38
N ASN A 446 19.65 20.77 11.20
CA ASN A 446 20.60 21.25 12.22
C ASN A 446 20.79 22.76 12.30
N SER A 447 20.82 23.42 11.14
N SER A 447 20.82 23.42 11.14
CA SER A 447 21.22 24.82 11.06
CA SER A 447 21.22 24.84 11.06
C SER A 447 20.19 25.77 10.43
C SER A 447 20.19 25.78 10.42
N ALA A 448 19.87 25.56 9.15
CA ALA A 448 19.01 26.51 8.40
C ALA A 448 17.60 26.72 8.97
N ILE A 449 16.90 25.63 9.28
CA ILE A 449 15.54 25.76 9.80
C ILE A 449 15.54 26.32 11.22
N PRO A 450 16.41 25.79 12.12
CA PRO A 450 16.50 26.43 13.44
C PRO A 450 16.81 27.93 13.38
N LYS A 451 17.75 28.33 12.54
CA LYS A 451 18.11 29.74 12.41
C LYS A 451 16.91 30.55 11.91
N ALA A 452 16.16 30.00 10.95
CA ALA A 452 14.96 30.67 10.42
C ALA A 452 13.82 30.81 11.45
N LEU A 453 13.72 29.84 12.35
CA LEU A 453 12.65 29.82 13.37
C LEU A 453 13.09 30.35 14.73
N GLY A 454 14.35 30.81 14.83
CA GLY A 454 14.89 31.36 16.07
C GLY A 454 15.16 30.30 17.13
N LEU A 455 15.50 29.09 16.69
CA LEU A 455 15.82 27.99 17.58
C LEU A 455 17.31 27.75 17.63
N PRO A 456 17.82 27.12 18.71
CA PRO A 456 19.25 26.79 18.77
C PRO A 456 19.68 25.87 17.63
N GLU A 457 20.88 26.07 17.10
CA GLU A 457 21.42 25.18 16.08
C GLU A 457 22.00 23.94 16.76
N THR A 458 21.88 22.80 16.08
CA THR A 458 22.40 21.54 16.61
C THR A 458 23.47 20.99 15.67
N GLN A 459 24.12 19.89 16.07
CA GLN A 459 25.25 19.33 15.34
C GLN A 459 25.17 17.82 15.23
N TYR A 460 23.96 17.30 15.03
CA TYR A 460 23.78 15.87 14.86
C TYR A 460 24.39 15.40 13.55
N THR A 461 25.04 14.25 13.59
CA THR A 461 25.57 13.63 12.39
C THR A 461 24.45 12.82 11.72
N LEU A 462 24.66 12.42 10.46
CA LEU A 462 23.72 11.53 9.79
C LEU A 462 23.64 10.18 10.52
N LYS A 463 24.77 9.74 11.07
CA LYS A 463 24.83 8.52 11.90
C LYS A 463 23.85 8.59 13.08
N GLN A 464 23.71 9.79 13.65
CA GLN A 464 22.81 10.04 14.78
C GLN A 464 21.36 10.29 14.36
N LEU A 465 21.17 11.10 13.31
N LEU A 465 21.19 11.10 13.32
CA LEU A 465 19.83 11.52 12.87
CA LEU A 465 19.86 11.55 12.88
C LEU A 465 19.04 10.44 12.16
C LEU A 465 19.04 10.48 12.15
N LEU A 466 19.69 9.74 11.25
CA LEU A 466 18.99 8.77 10.39
C LEU A 466 18.32 7.61 11.12
N PRO A 467 19.02 6.95 12.07
CA PRO A 467 18.35 5.83 12.77
C PRO A 467 17.42 6.34 13.87
N SER A 468 16.24 6.75 13.43
CA SER A 468 15.23 7.32 14.29
C SER A 468 13.94 7.37 13.53
N THR A 469 12.83 7.51 14.23
CA THR A 469 11.52 7.65 13.58
C THR A 469 11.48 8.89 12.68
N ILE A 470 12.06 10.00 13.13
CA ILE A 470 12.22 11.20 12.29
C ILE A 470 13.00 10.85 11.02
N GLY A 471 14.14 10.16 11.18
CA GLY A 471 14.96 9.79 10.04
C GLY A 471 14.24 8.89 9.04
N ARG A 472 13.44 7.96 9.56
CA ARG A 472 12.69 7.03 8.73
C ARG A 472 11.64 7.78 7.88
N THR A 473 11.01 8.77 8.51
CA THR A 473 10.00 9.60 7.86
C THR A 473 10.65 10.50 6.78
N LEU A 474 11.78 11.08 7.13
CA LEU A 474 12.57 11.91 6.20
C LEU A 474 13.02 11.11 4.99
N ALA A 475 13.55 9.93 5.19
CA ALA A 475 14.07 9.13 4.07
C ALA A 475 12.96 8.84 3.06
N ARG A 476 11.75 8.58 3.56
CA ARG A 476 10.60 8.35 2.68
C ARG A 476 10.34 9.57 1.80
N ALA A 477 10.34 10.76 2.39
CA ALA A 477 10.10 11.98 1.62
C ALA A 477 11.20 12.22 0.58
N LEU A 478 12.46 12.04 0.98
CA LEU A 478 13.57 12.20 0.05
C LEU A 478 13.49 11.19 -1.10
N GLU A 479 13.12 9.96 -0.80
CA GLU A 479 12.97 8.94 -1.82
C GLU A 479 11.87 9.32 -2.81
N SER A 480 10.76 9.87 -2.32
CA SER A 480 9.70 10.35 -3.20
C SER A 480 10.26 11.39 -4.17
N GLN A 481 10.99 12.35 -3.64
CA GLN A 481 11.62 13.37 -4.49
C GLN A 481 12.54 12.76 -5.55
N TYR A 482 13.39 11.86 -5.14
CA TYR A 482 14.35 11.22 -6.04
C TYR A 482 13.65 10.42 -7.14
N CYS A 483 12.56 9.73 -6.77
CA CYS A 483 11.81 8.95 -7.73
C CYS A 483 11.15 9.84 -8.78
N GLY A 484 10.61 10.99 -8.36
CA GLY A 484 10.07 11.96 -9.33
C GLY A 484 11.12 12.43 -10.31
N GLU A 485 12.31 12.75 -9.79
CA GLU A 485 13.43 13.19 -10.63
C GLU A 485 13.85 12.10 -11.62
N MET A 486 13.94 10.87 -11.14
CA MET A 486 14.35 9.76 -12.01
C MET A 486 13.33 9.49 -13.10
N MET A 487 12.03 9.53 -12.79
CA MET A 487 11.06 9.20 -13.84
C MET A 487 10.97 10.31 -14.90
N HIS A 488 11.33 11.53 -14.52
CA HIS A 488 11.46 12.65 -15.46
C HIS A 488 12.51 12.31 -16.53
N SER A 489 13.64 11.79 -16.06
CA SER A 489 14.71 11.29 -16.93
C SER A 489 14.26 10.09 -17.76
N ASP A 490 13.58 9.15 -17.13
CA ASP A 490 13.07 7.97 -17.84
C ASP A 490 12.14 8.36 -18.97
N TRP A 491 11.28 9.36 -18.74
CA TRP A 491 10.38 9.86 -19.78
C TRP A 491 11.15 10.35 -21.00
N HIS A 492 12.18 11.16 -20.76
CA HIS A 492 13.01 11.63 -21.87
C HIS A 492 13.67 10.48 -22.63
N ASP A 493 14.15 9.47 -21.89
CA ASP A 493 14.78 8.32 -22.53
C ASP A 493 13.78 7.52 -23.39
N LEU A 494 12.56 7.37 -22.89
CA LEU A 494 11.50 6.68 -23.59
C LEU A 494 11.15 7.38 -24.92
N VAL A 495 10.90 8.68 -24.84
CA VAL A 495 10.51 9.45 -26.01
C VAL A 495 11.64 9.46 -27.02
N ALA A 496 12.88 9.63 -26.53
CA ALA A 496 14.04 9.59 -27.44
C ALA A 496 14.14 8.24 -28.16
N ASN A 497 13.91 7.15 -27.44
CA ASN A 497 14.03 5.82 -28.04
C ASN A 497 12.96 5.59 -29.11
N ILE A 498 11.73 6.00 -28.80
CA ILE A 498 10.62 5.89 -29.75
C ILE A 498 10.89 6.74 -31.01
N ARG A 499 11.35 7.97 -30.79
CA ARG A 499 11.66 8.86 -31.92
C ARG A 499 12.83 8.35 -32.77
N ALA A 500 13.74 7.58 -32.15
CA ALA A 500 14.85 6.95 -32.89
C ALA A 500 14.37 5.78 -33.77
N GLY A 501 13.13 5.33 -33.58
CA GLY A 501 12.52 4.30 -34.42
C GLY A 501 12.20 3.00 -33.70
N ASP A 502 12.54 2.88 -32.41
CA ASP A 502 12.24 1.66 -31.66
C ASP A 502 10.91 1.83 -30.95
N THR A 503 9.87 1.22 -31.51
CA THR A 503 8.54 1.28 -30.92
C THR A 503 8.13 -0.02 -30.23
N ALA A 504 9.04 -1.00 -30.13
CA ALA A 504 8.70 -2.31 -29.55
C ALA A 504 8.30 -2.20 -28.07
N THR A 505 7.23 -2.91 -27.68
CA THR A 505 6.78 -2.95 -26.29
C THR A 505 6.65 -4.35 -25.70
N ALA A 506 6.74 -5.40 -26.52
CA ALA A 506 6.64 -6.75 -25.97
C ALA A 506 7.50 -7.75 -26.76
N ASN A 507 8.15 -8.63 -26.01
CA ASN A 507 8.86 -9.77 -26.55
C ASN A 507 7.95 -10.97 -26.37
N VAL A 508 7.43 -11.49 -27.48
CA VAL A 508 6.47 -12.62 -27.45
C VAL A 508 7.09 -13.95 -27.86
N ASP A 509 8.42 -14.00 -27.98
CA ASP A 509 9.10 -15.20 -28.45
C ASP A 509 8.82 -16.44 -27.59
N LYS A 510 8.69 -16.24 -26.28
CA LYS A 510 8.38 -17.33 -25.35
C LYS A 510 7.01 -17.16 -24.68
N TRP A 511 6.09 -16.49 -25.36
CA TRP A 511 4.73 -16.33 -24.83
C TRP A 511 4.02 -17.67 -24.72
N ASP A 512 4.15 -18.50 -25.76
CA ASP A 512 3.46 -19.78 -25.81
C ASP A 512 4.19 -20.81 -24.94
N PRO A 513 3.46 -21.49 -24.02
CA PRO A 513 4.12 -22.46 -23.13
C PRO A 513 4.78 -23.66 -23.82
N ALA A 514 4.41 -23.93 -25.08
CA ALA A 514 5.09 -24.95 -25.87
C ALA A 514 6.56 -24.62 -26.11
N THR A 515 6.95 -23.35 -25.94
CA THR A 515 8.36 -22.95 -26.07
C THR A 515 9.13 -23.03 -24.75
N TRP A 516 8.46 -23.31 -23.64
CA TRP A 516 9.12 -23.24 -22.35
C TRP A 516 9.91 -24.50 -22.02
N PRO A 517 10.92 -24.35 -21.17
CA PRO A 517 11.51 -25.55 -20.58
C PRO A 517 10.46 -26.21 -19.69
N LEU A 518 10.51 -27.54 -19.57
CA LEU A 518 9.49 -28.29 -18.82
C LEU A 518 9.58 -28.03 -17.31
N GLN A 519 10.76 -27.62 -16.84
CA GLN A 519 10.94 -27.14 -15.48
C GLN A 519 11.76 -25.86 -15.49
N ALA A 520 11.43 -24.94 -14.59
CA ALA A 520 12.19 -23.71 -14.45
C ALA A 520 11.94 -23.06 -13.11
N LYS A 521 12.90 -22.26 -12.66
CA LYS A 521 12.70 -21.44 -11.47
C LYS A 521 13.21 -20.03 -11.75
N GLY A 522 12.58 -19.06 -11.12
CA GLY A 522 12.95 -17.67 -11.31
C GLY A 522 12.66 -16.84 -10.08
N VAL A 523 13.29 -15.67 -10.03
CA VAL A 523 13.06 -14.73 -8.95
C VAL A 523 12.98 -13.35 -9.55
N GLY A 524 12.06 -12.55 -9.01
CA GLY A 524 11.90 -11.15 -9.39
C GLY A 524 11.96 -10.32 -8.12
N THR A 525 12.80 -9.28 -8.12
CA THR A 525 12.87 -8.37 -6.98
C THR A 525 12.49 -6.97 -7.39
N VAL A 526 11.96 -6.23 -6.41
CA VAL A 526 11.52 -4.87 -6.59
C VAL A 526 11.87 -4.07 -5.34
N ALA A 527 12.34 -2.83 -5.51
CA ALA A 527 12.42 -1.89 -4.39
C ALA A 527 11.04 -1.26 -4.28
N ALA A 528 10.17 -1.97 -3.58
CA ALA A 528 8.81 -1.50 -3.38
C ALA A 528 8.80 -0.31 -2.41
N PRO A 529 7.70 0.45 -2.37
CA PRO A 529 7.65 1.60 -1.48
C PRO A 529 8.11 1.35 -0.03
N ARG A 530 7.80 0.17 0.52
CA ARG A 530 8.10 -0.12 1.92
C ARG A 530 9.40 -0.91 2.12
N GLY A 531 10.10 -1.26 1.04
CA GLY A 531 11.37 -1.95 1.15
C GLY A 531 11.59 -3.04 0.13
N ALA A 532 12.24 -4.11 0.55
CA ALA A 532 12.71 -5.15 -0.34
C ALA A 532 11.61 -6.18 -0.59
N LEU A 533 11.16 -6.27 -1.86
CA LEU A 533 10.16 -7.22 -2.29
C LEU A 533 10.78 -8.28 -3.18
N GLY A 534 10.45 -9.54 -2.92
CA GLY A 534 10.81 -10.63 -3.81
C GLY A 534 9.69 -11.63 -4.03
N HIS A 535 9.60 -12.12 -5.27
CA HIS A 535 8.74 -13.24 -5.63
C HIS A 535 9.62 -14.33 -6.21
N TRP A 536 9.45 -15.54 -5.70
CA TRP A 536 10.20 -16.71 -6.14
C TRP A 536 9.20 -17.74 -6.70
N ILE A 537 9.44 -18.18 -7.93
CA ILE A 537 8.53 -19.10 -8.63
C ILE A 537 9.27 -20.34 -9.10
N ARG A 538 8.57 -21.48 -9.05
CA ARG A 538 8.96 -22.70 -9.70
C ARG A 538 7.83 -23.06 -10.68
N ILE A 539 8.21 -23.37 -11.93
CA ILE A 539 7.30 -23.74 -12.99
C ILE A 539 7.56 -25.19 -13.38
N LYS A 540 6.49 -25.95 -13.59
CA LYS A 540 6.58 -27.34 -14.04
C LYS A 540 5.45 -27.63 -15.01
N ASP A 541 5.81 -28.10 -16.21
CA ASP A 541 4.84 -28.46 -17.25
C ASP A 541 3.81 -27.35 -17.49
N GLY A 542 4.30 -26.12 -17.60
CA GLY A 542 3.47 -24.97 -17.92
C GLY A 542 2.67 -24.39 -16.76
N ARG A 543 2.81 -24.97 -15.56
CA ARG A 543 2.01 -24.57 -14.39
C ARG A 543 2.90 -24.11 -13.24
N ILE A 544 2.32 -23.35 -12.34
CA ILE A 544 3.02 -22.91 -11.13
C ILE A 544 3.13 -24.09 -10.17
N GLU A 545 4.35 -24.51 -9.89
CA GLU A 545 4.63 -25.56 -8.92
C GLU A 545 4.72 -24.99 -7.51
N ASN A 546 5.44 -23.88 -7.37
CA ASN A 546 5.56 -23.16 -6.11
C ASN A 546 5.65 -21.66 -6.42
N TYR A 547 5.07 -20.87 -5.52
CA TYR A 547 5.14 -19.43 -5.63
C TYR A 547 5.20 -18.87 -4.22
N GLN A 548 6.31 -18.23 -3.89
CA GLN A 548 6.54 -17.68 -2.55
C GLN A 548 6.92 -16.20 -2.63
N CYS A 549 6.25 -15.40 -1.81
CA CYS A 549 6.49 -13.98 -1.71
C CYS A 549 7.09 -13.65 -0.37
N VAL A 550 8.13 -12.82 -0.37
CA VAL A 550 8.67 -12.25 0.84
C VAL A 550 8.62 -10.75 0.63
N VAL A 551 7.83 -10.08 1.44
CA VAL A 551 7.35 -8.73 1.16
C VAL A 551 7.95 -7.76 2.20
N PRO A 552 8.11 -6.46 1.87
CA PRO A 552 8.81 -5.59 2.83
C PRO A 552 8.26 -5.60 4.24
N THR A 553 6.94 -5.52 4.40
CA THR A 553 6.34 -5.51 5.73
C THR A 553 6.46 -6.91 6.39
N THR A 554 6.66 -7.96 5.59
CA THR A 554 7.02 -9.26 6.16
C THR A 554 8.34 -9.11 6.94
N TRP A 555 9.34 -8.49 6.32
CA TRP A 555 10.61 -8.24 7.04
C TRP A 555 10.37 -7.37 8.27
N ASN A 556 9.80 -6.20 8.07
CA ASN A 556 9.72 -5.22 9.16
C ASN A 556 8.78 -5.63 10.29
N GLY A 557 7.64 -6.22 9.94
CA GLY A 557 6.65 -6.63 10.92
C GLY A 557 6.81 -8.02 11.48
N SER A 558 7.87 -8.74 11.10
N SER A 558 7.88 -8.71 11.10
CA SER A 558 8.06 -10.13 11.48
CA SER A 558 8.15 -10.09 11.50
C SER A 558 8.06 -10.34 13.00
C SER A 558 8.08 -10.34 13.01
N PRO A 559 7.53 -11.50 13.42
CA PRO A 559 7.64 -11.89 14.81
C PRO A 559 9.02 -12.47 15.01
N ARG A 560 9.28 -12.91 16.23
CA ARG A 560 10.58 -13.43 16.58
C ARG A 560 10.91 -14.72 15.80
N ASP A 561 12.21 -14.96 15.62
CA ASP A 561 12.67 -16.15 14.90
C ASP A 561 13.00 -17.29 15.87
N TYR A 562 13.60 -18.37 15.34
CA TYR A 562 13.95 -19.51 16.17
C TYR A 562 14.91 -19.13 17.31
N LYS A 563 15.86 -18.24 17.03
CA LYS A 563 16.80 -17.74 18.06
C LYS A 563 16.19 -16.68 19.00
N GLY A 564 14.97 -16.24 18.75
CA GLY A 564 14.32 -15.24 19.57
C GLY A 564 14.64 -13.81 19.19
N GLN A 565 15.30 -13.61 18.05
CA GLN A 565 15.65 -12.25 17.60
C GLN A 565 14.39 -11.52 17.17
N ILE A 566 14.32 -10.24 17.52
CA ILE A 566 13.17 -9.40 17.18
C ILE A 566 13.35 -8.71 15.82
N GLY A 567 12.21 -8.43 15.18
CA GLY A 567 12.17 -7.72 13.92
C GLY A 567 12.09 -6.22 14.09
N ALA A 568 12.01 -5.51 12.97
CA ALA A 568 12.15 -4.06 12.98
C ALA A 568 11.08 -3.29 13.78
N PHE A 569 9.81 -3.66 13.63
CA PHE A 569 8.72 -3.00 14.39
C PHE A 569 8.97 -3.12 15.91
N GLU A 570 9.21 -4.35 16.36
CA GLU A 570 9.38 -4.62 17.78
C GLU A 570 10.59 -3.85 18.31
N ALA A 571 11.70 -3.88 17.57
CA ALA A 571 12.91 -3.15 17.97
C ALA A 571 12.69 -1.63 18.02
N SER A 572 11.91 -1.11 17.08
CA SER A 572 11.70 0.34 16.97
C SER A 572 10.91 0.92 18.15
N LEU A 573 10.02 0.13 18.74
CA LEU A 573 9.23 0.62 19.88
C LEU A 573 10.00 0.58 21.19
N MET A 574 10.99 -0.30 21.28
CA MET A 574 11.79 -0.44 22.50
C MET A 574 12.39 0.89 22.94
N ASN A 575 12.45 1.06 24.26
CA ASN A 575 13.12 2.19 24.90
C ASN A 575 12.46 3.55 24.62
N THR A 576 11.16 3.54 24.31
CA THR A 576 10.44 4.77 24.03
C THR A 576 9.49 5.12 25.18
N PRO A 577 9.64 6.32 25.74
CA PRO A 577 8.68 6.76 26.76
C PRO A 577 7.32 7.16 26.16
N MET A 578 6.24 6.86 26.89
CA MET A 578 4.89 7.27 26.52
C MET A 578 4.43 8.32 27.50
N VAL A 579 3.85 9.38 26.99
CA VAL A 579 3.26 10.43 27.83
C VAL A 579 2.12 9.85 28.67
N ASN A 580 1.29 9.04 28.04
CA ASN A 580 0.18 8.39 28.70
C ASN A 580 0.08 6.99 28.11
N PRO A 581 0.33 5.93 28.92
CA PRO A 581 0.31 4.57 28.36
C PRO A 581 -1.04 4.12 27.77
N GLU A 582 -2.13 4.82 28.10
CA GLU A 582 -3.45 4.53 27.51
C GLU A 582 -3.78 5.33 26.23
N GLN A 583 -2.85 6.19 25.79
CA GLN A 583 -2.96 6.87 24.50
C GLN A 583 -1.76 6.45 23.67
N PRO A 584 -1.97 5.64 22.61
CA PRO A 584 -0.85 5.06 21.86
C PRO A 584 -0.14 6.01 20.86
N VAL A 585 -0.04 7.30 21.21
CA VAL A 585 0.48 8.30 20.25
C VAL A 585 1.89 7.95 19.75
N GLU A 586 2.79 7.63 20.66
CA GLU A 586 4.18 7.34 20.31
C GLU A 586 4.30 6.00 19.58
N ILE A 587 3.49 5.02 19.98
CA ILE A 587 3.46 3.72 19.31
C ILE A 587 3.03 3.89 17.86
N LEU A 588 1.95 4.64 17.66
CA LEU A 588 1.45 4.91 16.32
C LEU A 588 2.48 5.69 15.51
N ARG A 589 3.06 6.74 16.08
CA ARG A 589 4.06 7.55 15.37
C ARG A 589 5.21 6.70 14.83
N THR A 590 5.76 5.84 15.66
CA THR A 590 6.87 4.99 15.23
C THR A 590 6.43 3.85 14.30
N LEU A 591 5.37 3.12 14.65
CA LEU A 591 4.88 2.07 13.74
C LEU A 591 4.57 2.67 12.37
N HIS A 592 3.87 3.78 12.36
CA HIS A 592 3.50 4.41 11.08
C HIS A 592 4.72 4.85 10.28
N SER A 593 5.84 5.16 10.93
CA SER A 593 7.05 5.54 10.18
C SER A 593 7.59 4.42 9.27
N PHE A 594 7.18 3.16 9.53
CA PHE A 594 7.48 2.03 8.63
C PHE A 594 6.47 1.87 7.49
N ASP A 595 5.37 2.63 7.56
CA ASP A 595 4.29 2.52 6.59
C ASP A 595 3.82 1.06 6.49
N PRO A 596 3.34 0.49 7.61
CA PRO A 596 2.98 -0.93 7.58
C PRO A 596 1.86 -1.24 6.59
N CYS A 597 2.09 -2.25 5.77
CA CYS A 597 1.07 -2.79 4.90
C CYS A 597 0.87 -4.24 5.27
N LEU A 598 -0.21 -4.50 5.98
CA LEU A 598 -0.38 -5.83 6.57
C LEU A 598 -0.86 -6.88 5.60
N ALA A 599 -1.66 -6.46 4.61
CA ALA A 599 -2.06 -7.36 3.54
C ALA A 599 -0.82 -7.84 2.79
N CYS A 600 0.09 -6.89 2.51
CA CYS A 600 1.38 -7.22 1.92
C CYS A 600 2.15 -8.21 2.77
N SER A 601 2.17 -7.96 4.08
CA SER A 601 3.04 -8.72 4.96
C SER A 601 2.67 -10.19 5.02
N THR A 602 1.37 -10.46 4.89
CA THR A 602 0.82 -11.81 5.07
C THR A 602 0.42 -12.49 3.77
N HIS A 603 -0.11 -11.72 2.81
CA HIS A 603 -0.52 -12.24 1.50
C HIS A 603 -1.23 -13.60 1.57
N PRO B 5 -27.62 17.50 9.66
CA PRO B 5 -26.52 16.58 9.95
C PRO B 5 -26.20 15.63 8.78
N ARG B 6 -24.96 15.18 8.72
CA ARG B 6 -24.49 14.30 7.65
C ARG B 6 -24.66 12.84 8.06
N THR B 7 -25.04 12.00 7.11
CA THR B 7 -25.30 10.59 7.38
C THR B 7 -24.04 9.85 7.81
N PRO B 8 -24.05 9.20 8.99
CA PRO B 8 -22.87 8.45 9.38
C PRO B 8 -22.63 7.23 8.52
N VAL B 9 -21.36 7.04 8.17
CA VAL B 9 -20.90 5.84 7.48
C VAL B 9 -19.87 5.16 8.39
N LEU B 10 -20.12 3.88 8.66
CA LEU B 10 -19.16 3.02 9.32
C LEU B 10 -18.57 2.11 8.24
N TRP B 11 -17.29 2.32 7.94
CA TRP B 11 -16.61 1.60 6.86
C TRP B 11 -15.72 0.53 7.47
N LEU B 12 -16.16 -0.73 7.38
CA LEU B 12 -15.39 -1.86 7.92
C LEU B 12 -14.51 -2.50 6.85
N HIS B 13 -13.43 -3.12 7.29
CA HIS B 13 -12.46 -3.81 6.44
C HIS B 13 -12.28 -5.26 6.92
N GLY B 14 -12.58 -6.23 6.06
CA GLY B 14 -12.32 -7.64 6.35
C GLY B 14 -11.00 -8.05 5.71
N LEU B 15 -10.97 -9.25 5.14
CA LEU B 15 -9.84 -9.67 4.29
C LEU B 15 -9.98 -8.91 2.98
N GLU B 16 -8.92 -8.19 2.60
N GLU B 16 -8.91 -8.20 2.60
CA GLU B 16 -8.96 -7.25 1.48
CA GLU B 16 -8.95 -7.31 1.45
C GLU B 16 -7.55 -6.87 1.11
C GLU B 16 -7.55 -6.89 1.11
N CYS B 17 -7.41 -6.14 0.01
CA CYS B 17 -6.13 -5.54 -0.37
C CYS B 17 -6.17 -4.01 -0.26
N THR B 18 -7.36 -3.46 0.02
CA THR B 18 -7.57 -2.01 0.22
C THR B 18 -7.70 -1.21 -1.11
N CYS B 19 -7.82 -1.91 -2.24
CA CYS B 19 -7.97 -1.22 -3.53
C CYS B 19 -9.25 -0.39 -3.60
N CYS B 20 -10.32 -0.83 -2.94
CA CYS B 20 -11.62 -0.14 -3.03
C CYS B 20 -11.51 1.22 -2.32
N SER B 21 -10.84 1.24 -1.18
CA SER B 21 -10.59 2.49 -0.45
C SER B 21 -9.76 3.46 -1.28
N GLU B 22 -8.71 2.95 -1.90
CA GLU B 22 -7.85 3.76 -2.76
C GLU B 22 -8.64 4.31 -3.96
N SER B 23 -9.43 3.45 -4.60
CA SER B 23 -10.26 3.90 -5.72
C SER B 23 -11.21 5.01 -5.28
N PHE B 24 -11.85 4.83 -4.13
CA PHE B 24 -12.77 5.83 -3.62
C PHE B 24 -12.13 7.22 -3.58
N ILE B 25 -10.89 7.30 -3.07
CA ILE B 25 -10.22 8.60 -2.96
C ILE B 25 -9.70 9.18 -4.30
N ARG B 26 -9.80 8.41 -5.38
CA ARG B 26 -9.50 8.94 -6.72
C ARG B 26 -10.66 9.72 -7.33
N SER B 27 -11.84 9.69 -6.70
CA SER B 27 -13.02 10.33 -7.30
C SER B 27 -12.81 11.82 -7.58
N ALA B 28 -13.17 12.25 -8.78
CA ALA B 28 -13.05 13.65 -9.19
C ALA B 28 -14.38 14.40 -9.06
N HIS B 29 -15.49 13.68 -9.26
CA HIS B 29 -16.83 14.26 -9.16
C HIS B 29 -17.77 13.27 -8.48
N PRO B 30 -18.04 13.45 -7.18
CA PRO B 30 -17.45 14.47 -6.30
C PRO B 30 -16.05 14.11 -5.83
N LEU B 31 -15.31 15.10 -5.33
CA LEU B 31 -14.04 14.88 -4.66
C LEU B 31 -14.27 14.12 -3.34
N ALA B 32 -13.38 13.16 -3.03
CA ALA B 32 -13.46 12.43 -1.75
C ALA B 32 -13.42 13.39 -0.57
N LYS B 33 -12.61 14.46 -0.70
CA LYS B 33 -12.53 15.51 0.30
C LYS B 33 -13.92 16.07 0.62
N ASP B 34 -14.67 16.39 -0.42
CA ASP B 34 -16.01 16.94 -0.28
C ASP B 34 -17.00 15.90 0.25
N VAL B 35 -16.82 14.64 -0.13
CA VAL B 35 -17.68 13.57 0.42
C VAL B 35 -17.50 13.50 1.94
N VAL B 36 -16.25 13.44 2.38
CA VAL B 36 -15.95 13.30 3.81
C VAL B 36 -16.27 14.55 4.65
N LEU B 37 -16.02 15.74 4.10
CA LEU B 37 -16.26 16.98 4.85
C LEU B 37 -17.69 17.49 4.78
N SER B 38 -18.38 17.23 3.67
CA SER B 38 -19.70 17.86 3.43
C SER B 38 -20.88 16.93 3.16
N MET B 39 -20.65 15.65 2.93
CA MET B 39 -21.75 14.75 2.51
C MET B 39 -22.08 13.67 3.53
N ILE B 40 -21.07 12.91 3.94
CA ILE B 40 -21.21 11.87 4.97
C ILE B 40 -20.44 12.30 6.20
N SER B 41 -20.61 11.52 7.28
CA SER B 41 -19.74 11.59 8.44
C SER B 41 -19.05 10.23 8.50
N LEU B 42 -17.78 10.19 8.10
CA LEU B 42 -17.02 8.95 8.05
C LEU B 42 -16.51 8.71 9.46
N ASP B 43 -17.31 7.98 10.23
CA ASP B 43 -17.06 7.87 11.68
C ASP B 43 -16.17 6.72 12.08
N TYR B 44 -16.06 5.71 11.25
CA TYR B 44 -15.14 4.61 11.51
C TYR B 44 -14.59 4.16 10.18
N ASP B 45 -13.26 4.10 10.11
CA ASP B 45 -12.55 3.66 8.92
C ASP B 45 -11.08 3.47 9.30
N ASP B 46 -10.63 2.22 9.38
CA ASP B 46 -9.25 1.89 9.83
C ASP B 46 -8.16 2.66 9.07
N THR B 47 -8.40 2.89 7.79
CA THR B 47 -7.45 3.55 6.91
C THR B 47 -7.09 4.98 7.30
N LEU B 48 -8.08 5.76 7.71
CA LEU B 48 -7.94 7.21 7.87
C LEU B 48 -8.17 7.77 9.25
N MET B 49 -8.76 6.99 10.15
CA MET B 49 -9.21 7.51 11.44
C MET B 49 -8.06 7.79 12.40
N ALA B 50 -8.23 8.84 13.19
CA ALA B 50 -7.21 9.27 14.15
C ALA B 50 -7.08 8.28 15.30
N ALA B 51 -8.22 7.85 15.84
CA ALA B 51 -8.24 6.92 16.98
C ALA B 51 -7.78 5.52 16.59
N ALA B 52 -7.15 4.84 17.54
CA ALA B 52 -6.75 3.44 17.40
C ALA B 52 -7.24 2.65 18.61
N GLY B 53 -7.15 1.33 18.52
CA GLY B 53 -7.37 0.45 19.67
C GLY B 53 -8.71 0.68 20.34
N HIS B 54 -8.68 0.89 21.66
CA HIS B 54 -9.89 1.04 22.47
C HIS B 54 -10.71 2.28 22.09
N GLN B 55 -10.00 3.34 21.69
CA GLN B 55 -10.63 4.59 21.31
C GLN B 55 -11.38 4.45 19.98
N ALA B 56 -10.83 3.65 19.07
CA ALA B 56 -11.50 3.34 17.80
C ALA B 56 -12.73 2.47 18.03
N GLU B 57 -12.55 1.40 18.81
CA GLU B 57 -13.65 0.48 19.16
C GLU B 57 -14.85 1.21 19.78
N ALA B 58 -14.56 2.18 20.64
CA ALA B 58 -15.59 2.92 21.38
C ALA B 58 -16.51 3.75 20.47
N ILE B 59 -15.97 4.19 19.33
CA ILE B 59 -16.73 4.96 18.33
C ILE B 59 -17.92 4.14 17.77
N LEU B 60 -17.70 2.86 17.49
CA LEU B 60 -18.76 2.00 16.90
C LEU B 60 -20.02 2.00 17.76
N GLU B 61 -19.82 1.78 19.05
CA GLU B 61 -20.93 1.75 20.02
C GLU B 61 -21.67 3.09 20.05
N GLU B 62 -20.92 4.19 20.14
CA GLU B 62 -21.52 5.52 20.21
C GLU B 62 -22.41 5.81 18.99
N ILE B 63 -21.90 5.53 17.79
CA ILE B 63 -22.64 5.85 16.56
C ILE B 63 -23.88 4.96 16.36
N MET B 64 -23.74 3.67 16.67
CA MET B 64 -24.86 2.72 16.51
C MET B 64 -26.07 3.07 17.39
N THR B 65 -25.76 3.55 18.58
N THR B 65 -25.79 3.57 18.59
CA THR B 65 -26.76 3.98 19.55
CA THR B 65 -26.86 3.96 19.50
C THR B 65 -27.44 5.27 19.13
C THR B 65 -27.47 5.29 19.11
N LYS B 66 -26.64 6.30 18.85
CA LYS B 66 -27.15 7.64 18.52
C LYS B 66 -27.85 7.68 17.16
N TYR B 67 -27.38 6.88 16.21
CA TYR B 67 -27.98 6.87 14.85
C TYR B 67 -28.58 5.51 14.45
N LYS B 68 -29.14 4.79 15.44
CA LYS B 68 -29.71 3.45 15.20
C LYS B 68 -30.65 3.42 14.02
N GLY B 69 -30.39 2.51 13.07
CA GLY B 69 -31.19 2.37 11.85
C GLY B 69 -31.12 3.59 10.97
N ASN B 70 -30.04 4.37 11.12
CA ASN B 70 -29.84 5.57 10.33
C ASN B 70 -28.37 5.85 9.99
N TYR B 71 -27.54 4.81 10.04
CA TYR B 71 -26.17 4.87 9.50
C TYR B 71 -26.06 3.88 8.36
N ILE B 72 -25.09 4.14 7.50
CA ILE B 72 -24.75 3.24 6.41
C ILE B 72 -23.56 2.41 6.87
N LEU B 73 -23.63 1.10 6.67
CA LEU B 73 -22.49 0.24 6.85
C LEU B 73 -21.91 0.00 5.46
N ALA B 74 -20.65 0.39 5.27
CA ALA B 74 -19.90 0.05 4.07
C ALA B 74 -18.91 -1.05 4.44
N VAL B 75 -18.84 -2.11 3.63
CA VAL B 75 -17.92 -3.20 3.88
C VAL B 75 -16.98 -3.39 2.69
N GLU B 76 -15.68 -3.29 2.97
CA GLU B 76 -14.63 -3.63 2.04
C GLU B 76 -14.00 -4.92 2.54
N GLY B 77 -13.71 -5.84 1.64
CA GLY B 77 -13.21 -7.13 2.04
C GLY B 77 -14.30 -8.06 2.49
N ASN B 78 -13.90 -9.19 3.07
CA ASN B 78 -14.84 -10.22 3.46
C ASN B 78 -14.38 -11.04 4.67
N PRO B 79 -15.34 -11.75 5.31
CA PRO B 79 -15.00 -12.58 6.45
C PRO B 79 -14.56 -13.98 6.08
N PRO B 80 -13.47 -14.46 6.71
CA PRO B 80 -13.10 -15.87 6.56
C PRO B 80 -13.83 -16.74 7.57
N LEU B 81 -14.28 -17.91 7.14
CA LEU B 81 -14.94 -18.86 8.06
C LEU B 81 -13.99 -19.96 8.56
N ASN B 82 -12.86 -20.17 7.89
CA ASN B 82 -11.86 -21.14 8.36
C ASN B 82 -11.00 -20.52 9.46
N GLN B 83 -10.12 -21.32 10.06
CA GLN B 83 -9.28 -20.88 11.18
C GLN B 83 -10.12 -20.28 12.33
N ASP B 84 -11.33 -20.82 12.53
CA ASP B 84 -12.31 -20.28 13.51
C ASP B 84 -12.56 -18.77 13.36
N GLY B 85 -12.45 -18.28 12.12
CA GLY B 85 -12.59 -16.86 11.80
C GLY B 85 -11.38 -15.98 12.10
N MET B 86 -10.32 -16.58 12.66
CA MET B 86 -9.18 -15.82 13.17
C MET B 86 -8.05 -15.67 12.14
N SER B 87 -8.37 -15.96 10.89
CA SER B 87 -7.55 -15.48 9.78
C SER B 87 -7.89 -13.99 9.49
N CYS B 88 -8.87 -13.41 10.19
CA CYS B 88 -9.05 -11.96 10.19
C CYS B 88 -9.53 -11.53 11.58
N ILE B 89 -8.60 -11.00 12.37
CA ILE B 89 -8.84 -10.69 13.77
C ILE B 89 -8.92 -9.18 13.97
N ILE B 90 -9.96 -8.74 14.66
CA ILE B 90 -10.13 -7.32 15.02
C ILE B 90 -10.51 -7.25 16.49
N GLY B 91 -9.75 -6.47 17.25
CA GLY B 91 -9.93 -6.41 18.71
C GLY B 91 -9.87 -7.77 19.40
N GLY B 92 -9.00 -8.65 18.92
CA GLY B 92 -8.86 -9.99 19.48
C GLY B 92 -9.97 -10.97 19.14
N ARG B 93 -10.92 -10.58 18.28
CA ARG B 93 -12.08 -11.40 17.94
C ARG B 93 -12.20 -11.55 16.43
N PRO B 94 -12.94 -12.59 15.96
CA PRO B 94 -13.11 -12.72 14.51
C PRO B 94 -13.82 -11.54 13.88
N PHE B 95 -13.37 -11.14 12.70
CA PHE B 95 -14.02 -10.05 11.95
C PHE B 95 -15.52 -10.29 11.78
N ILE B 96 -15.91 -11.54 11.54
CA ILE B 96 -17.32 -11.86 11.29
C ILE B 96 -18.23 -11.44 12.45
N GLU B 97 -17.69 -11.45 13.67
CA GLU B 97 -18.45 -10.99 14.84
C GLU B 97 -18.66 -9.47 14.78
N GLN B 98 -17.63 -8.72 14.36
CA GLN B 98 -17.77 -7.28 14.19
C GLN B 98 -18.76 -6.97 13.06
N LEU B 99 -18.62 -7.66 11.93
CA LEU B 99 -19.52 -7.47 10.79
C LEU B 99 -20.99 -7.64 11.20
N LYS B 100 -21.29 -8.74 11.88
CA LYS B 100 -22.66 -9.02 12.30
C LYS B 100 -23.19 -7.99 13.31
N TYR B 101 -22.33 -7.58 14.25
CA TYR B 101 -22.70 -6.59 15.28
C TYR B 101 -23.09 -5.27 14.63
N VAL B 102 -22.23 -4.77 13.75
CA VAL B 102 -22.47 -3.47 13.11
C VAL B 102 -23.61 -3.54 12.08
N ALA B 103 -23.75 -4.69 11.41
CA ALA B 103 -24.82 -4.85 10.40
C ALA B 103 -26.25 -4.80 10.98
N LYS B 104 -26.41 -5.26 12.21
N LYS B 104 -26.43 -5.23 12.21
CA LYS B 104 -27.73 -5.34 12.87
CA LYS B 104 -27.79 -5.38 12.78
C LYS B 104 -28.60 -4.08 12.74
C LYS B 104 -28.62 -4.08 12.78
N ASP B 105 -27.99 -2.93 13.04
CA ASP B 105 -28.72 -1.65 13.10
C ASP B 105 -28.46 -0.69 11.94
N ALA B 106 -27.88 -1.19 10.85
CA ALA B 106 -27.61 -0.36 9.68
C ALA B 106 -28.89 -0.06 8.89
N LYS B 107 -28.97 1.14 8.35
CA LYS B 107 -30.06 1.52 7.45
C LYS B 107 -29.90 0.79 6.11
N ALA B 108 -28.65 0.66 5.68
CA ALA B 108 -28.31 -0.01 4.43
C ALA B 108 -26.88 -0.51 4.52
N ILE B 109 -26.56 -1.50 3.70
CA ILE B 109 -25.21 -2.08 3.64
C ILE B 109 -24.69 -2.01 2.20
N ILE B 110 -23.47 -1.49 2.06
CA ILE B 110 -22.78 -1.42 0.78
C ILE B 110 -21.68 -2.46 0.81
N SER B 111 -21.71 -3.40 -0.13
CA SER B 111 -20.62 -4.34 -0.33
C SER B 111 -19.70 -3.73 -1.40
N TRP B 112 -18.63 -3.07 -0.95
CA TRP B 112 -17.67 -2.49 -1.87
C TRP B 112 -16.83 -3.56 -2.50
N GLY B 113 -16.74 -3.53 -3.83
CA GLY B 113 -15.78 -4.36 -4.52
C GLY B 113 -16.17 -5.82 -4.67
N SER B 114 -15.38 -6.52 -5.47
CA SER B 114 -15.57 -7.94 -5.66
C SER B 114 -15.32 -8.75 -4.37
N CYS B 115 -14.43 -8.30 -3.48
CA CYS B 115 -14.24 -9.03 -2.20
C CYS B 115 -15.56 -9.15 -1.41
N ALA B 116 -16.17 -8.00 -1.14
CA ALA B 116 -17.38 -7.96 -0.35
C ALA B 116 -18.57 -8.52 -1.10
N SER B 117 -18.58 -8.30 -2.42
CA SER B 117 -19.71 -8.72 -3.27
C SER B 117 -19.73 -10.23 -3.50
N TRP B 118 -18.56 -10.79 -3.83
CA TRP B 118 -18.48 -12.18 -4.30
C TRP B 118 -17.38 -13.05 -3.69
N GLY B 119 -16.28 -12.45 -3.23
CA GLY B 119 -15.17 -13.22 -2.63
C GLY B 119 -13.80 -12.75 -3.10
N CYS B 120 -13.73 -12.40 -4.39
CA CYS B 120 -12.49 -11.97 -5.06
C CYS B 120 -11.31 -12.95 -4.86
N VAL B 121 -10.09 -12.44 -4.79
CA VAL B 121 -8.91 -13.29 -5.00
C VAL B 121 -8.74 -14.36 -3.92
N GLN B 122 -9.01 -13.98 -2.66
CA GLN B 122 -8.87 -14.92 -1.55
C GLN B 122 -9.88 -16.06 -1.62
N ALA B 123 -10.99 -15.86 -2.33
CA ALA B 123 -12.00 -16.89 -2.51
C ALA B 123 -11.75 -17.76 -3.76
N ALA B 124 -10.69 -17.44 -4.52
CA ALA B 124 -10.32 -18.26 -5.67
C ALA B 124 -9.81 -19.60 -5.16
N LYS B 125 -9.95 -20.65 -5.97
CA LYS B 125 -9.59 -22.01 -5.54
C LYS B 125 -8.14 -22.07 -5.06
N PRO B 126 -7.87 -22.74 -3.93
CA PRO B 126 -8.81 -23.54 -3.14
C PRO B 126 -9.43 -22.82 -1.91
N ASN B 127 -9.40 -21.49 -1.91
CA ASN B 127 -9.98 -20.68 -0.84
C ASN B 127 -9.57 -21.16 0.57
N PRO B 128 -8.27 -21.03 0.89
CA PRO B 128 -7.80 -21.60 2.17
C PRO B 128 -8.45 -21.02 3.43
N THR B 129 -8.96 -19.79 3.37
CA THR B 129 -9.64 -19.17 4.54
C THR B 129 -11.18 -19.28 4.54
N GLN B 130 -11.74 -19.93 3.53
CA GLN B 130 -13.19 -19.93 3.29
CA GLN B 130 -13.19 -19.93 3.30
C GLN B 130 -13.75 -18.50 3.40
N ALA B 131 -13.11 -17.61 2.66
CA ALA B 131 -13.54 -16.23 2.54
C ALA B 131 -14.90 -16.26 1.87
N THR B 132 -15.84 -15.50 2.42
CA THR B 132 -17.25 -15.59 2.10
C THR B 132 -17.82 -14.19 1.89
N PRO B 133 -18.55 -13.94 0.79
CA PRO B 133 -19.08 -12.59 0.59
C PRO B 133 -20.12 -12.20 1.63
N VAL B 134 -20.27 -10.89 1.80
CA VAL B 134 -21.08 -10.32 2.88
C VAL B 134 -22.52 -10.83 2.85
N HIS B 135 -23.14 -10.86 1.67
CA HIS B 135 -24.54 -11.28 1.53
C HIS B 135 -24.83 -12.75 1.91
N LYS B 136 -23.80 -13.59 1.98
CA LYS B 136 -23.95 -14.98 2.43
C LYS B 136 -23.88 -15.09 3.96
N VAL B 137 -23.39 -14.04 4.62
CA VAL B 137 -23.31 -13.99 6.09
C VAL B 137 -24.43 -13.10 6.69
N ILE B 138 -24.69 -11.95 6.06
CA ILE B 138 -25.75 -11.04 6.49
C ILE B 138 -26.91 -11.25 5.53
N THR B 139 -27.95 -11.93 5.99
CA THR B 139 -29.05 -12.37 5.13
C THR B 139 -30.39 -11.68 5.39
N ASP B 140 -30.42 -10.68 6.26
CA ASP B 140 -31.67 -10.04 6.69
C ASP B 140 -31.64 -8.50 6.57
N LYS B 141 -30.74 -7.98 5.76
CA LYS B 141 -30.55 -6.53 5.61
C LYS B 141 -30.46 -6.15 4.14
N PRO B 142 -30.87 -4.91 3.80
CA PRO B 142 -30.72 -4.48 2.40
C PRO B 142 -29.25 -4.28 2.06
N ILE B 143 -28.77 -4.98 1.03
CA ILE B 143 -27.39 -4.90 0.56
C ILE B 143 -27.34 -4.47 -0.92
N ILE B 144 -26.40 -3.57 -1.22
CA ILE B 144 -26.09 -3.19 -2.61
C ILE B 144 -24.68 -3.68 -2.88
N LYS B 145 -24.51 -4.44 -3.97
CA LYS B 145 -23.19 -4.90 -4.42
C LYS B 145 -22.64 -3.89 -5.40
N VAL B 146 -21.38 -3.51 -5.22
CA VAL B 146 -20.68 -2.59 -6.11
C VAL B 146 -19.40 -3.31 -6.53
N PRO B 147 -19.55 -4.31 -7.43
CA PRO B 147 -18.41 -5.15 -7.71
C PRO B 147 -17.37 -4.54 -8.64
N GLY B 148 -16.25 -5.22 -8.76
CA GLY B 148 -15.09 -4.70 -9.47
C GLY B 148 -13.88 -4.75 -8.56
N CYS B 149 -12.69 -4.86 -9.14
CA CYS B 149 -11.47 -5.04 -8.36
C CYS B 149 -10.41 -3.99 -8.76
N PRO B 150 -10.51 -2.76 -8.23
CA PRO B 150 -11.66 -2.23 -7.48
C PRO B 150 -12.74 -1.71 -8.44
N PRO B 151 -13.90 -1.27 -7.90
CA PRO B 151 -14.86 -0.54 -8.74
C PRO B 151 -14.27 0.80 -9.17
N ILE B 152 -14.83 1.36 -10.23
CA ILE B 152 -14.47 2.69 -10.71
C ILE B 152 -14.76 3.70 -9.61
N ALA B 153 -13.87 4.67 -9.41
CA ALA B 153 -14.02 5.67 -8.34
C ALA B 153 -15.37 6.35 -8.36
N GLU B 154 -15.75 6.85 -9.54
CA GLU B 154 -17.01 7.60 -9.71
C GLU B 154 -18.25 6.73 -9.58
N VAL B 155 -18.10 5.42 -9.80
CA VAL B 155 -19.19 4.49 -9.51
C VAL B 155 -19.40 4.42 -8.00
N MET B 156 -18.29 4.31 -7.25
CA MET B 156 -18.38 4.26 -5.78
C MET B 156 -19.01 5.53 -5.22
N THR B 157 -18.50 6.69 -5.63
CA THR B 157 -19.06 7.96 -5.14
C THR B 157 -20.45 8.25 -5.71
N GLY B 158 -20.72 7.72 -6.91
CA GLY B 158 -22.05 7.81 -7.52
C GLY B 158 -23.10 7.08 -6.69
N VAL B 159 -22.74 5.90 -6.20
CA VAL B 159 -23.61 5.15 -5.28
C VAL B 159 -23.89 5.94 -4.00
N ILE B 160 -22.82 6.47 -3.39
CA ILE B 160 -22.95 7.26 -2.15
C ILE B 160 -23.85 8.47 -2.38
N THR B 161 -23.59 9.18 -3.48
CA THR B 161 -24.34 10.38 -3.83
C THR B 161 -25.83 10.08 -3.98
N TYR B 162 -26.15 9.01 -4.70
CA TYR B 162 -27.55 8.62 -4.84
C TYR B 162 -28.19 8.32 -3.47
N MET B 163 -27.51 7.51 -2.66
CA MET B 163 -28.08 7.12 -1.37
C MET B 163 -28.30 8.30 -0.44
N LEU B 164 -27.36 9.25 -0.46
CA LEU B 164 -27.49 10.46 0.37
C LEU B 164 -28.59 11.39 -0.14
N THR B 165 -28.66 11.57 -1.45
CA THR B 165 -29.67 12.46 -2.00
C THR B 165 -31.08 11.93 -1.77
N PHE B 166 -31.29 10.64 -2.01
CA PHE B 166 -32.65 10.09 -2.01
C PHE B 166 -33.03 9.27 -0.78
N ASP B 167 -32.06 8.94 0.07
CA ASP B 167 -32.30 8.09 1.24
C ASP B 167 -32.94 6.76 0.80
N ARG B 168 -32.42 6.24 -0.31
CA ARG B 168 -32.89 5.00 -0.94
C ARG B 168 -31.70 4.31 -1.57
N ILE B 169 -31.75 2.98 -1.66
CA ILE B 169 -30.79 2.23 -2.46
C ILE B 169 -31.25 2.34 -3.93
N PRO B 170 -30.32 2.57 -4.89
CA PRO B 170 -30.79 2.64 -6.29
C PRO B 170 -31.34 1.31 -6.79
N GLU B 171 -32.05 1.34 -7.93
CA GLU B 171 -32.61 0.10 -8.51
C GLU B 171 -31.50 -0.89 -8.81
N LEU B 172 -31.70 -2.13 -8.40
CA LEU B 172 -30.71 -3.18 -8.56
C LEU B 172 -31.14 -4.22 -9.57
N ASP B 173 -30.15 -4.80 -10.27
CA ASP B 173 -30.39 -5.97 -11.11
C ASP B 173 -30.55 -7.22 -10.21
N ARG B 174 -30.74 -8.38 -10.83
CA ARG B 174 -30.97 -9.64 -10.09
C ARG B 174 -29.82 -10.03 -9.16
N GLN B 175 -28.60 -9.64 -9.53
CA GLN B 175 -27.39 -9.92 -8.72
C GLN B 175 -27.10 -8.85 -7.66
N GLY B 176 -27.99 -7.86 -7.54
CA GLY B 176 -27.87 -6.86 -6.49
C GLY B 176 -26.98 -5.69 -6.83
N ARG B 177 -26.67 -5.51 -8.11
CA ARG B 177 -25.82 -4.40 -8.58
C ARG B 177 -26.68 -3.24 -9.05
N PRO B 178 -26.19 -1.99 -8.88
CA PRO B 178 -26.99 -0.84 -9.31
C PRO B 178 -27.07 -0.75 -10.84
N LYS B 179 -28.29 -0.74 -11.37
CA LYS B 179 -28.49 -0.69 -12.82
C LYS B 179 -27.90 0.57 -13.44
N MET B 180 -27.84 1.65 -12.66
CA MET B 180 -27.29 2.92 -13.17
C MET B 180 -25.80 2.83 -13.55
N PHE B 181 -25.09 1.82 -13.06
CA PHE B 181 -23.68 1.61 -13.39
C PHE B 181 -23.34 0.26 -14.03
N TYR B 182 -24.16 -0.77 -13.81
CA TYR B 182 -23.83 -2.12 -14.26
C TYR B 182 -24.81 -2.73 -15.29
N SER B 183 -25.56 -1.88 -15.99
N SER B 183 -25.57 -1.87 -15.99
CA SER B 183 -26.53 -2.38 -16.98
CA SER B 183 -26.54 -2.35 -16.98
C SER B 183 -25.91 -2.80 -18.31
C SER B 183 -25.92 -2.78 -18.30
N GLN B 184 -24.72 -2.28 -18.62
CA GLN B 184 -24.04 -2.58 -19.89
C GLN B 184 -22.86 -3.51 -19.70
N ARG B 185 -22.66 -4.37 -20.68
CA ARG B 185 -21.43 -5.15 -20.77
C ARG B 185 -20.38 -4.23 -21.37
N ILE B 186 -19.12 -4.47 -21.03
CA ILE B 186 -18.00 -3.68 -21.54
C ILE B 186 -18.07 -3.65 -23.08
N HIS B 187 -18.36 -4.80 -23.64
CA HIS B 187 -18.38 -5.05 -25.09
C HIS B 187 -19.46 -4.23 -25.84
N ASP B 188 -20.51 -3.80 -25.16
CA ASP B 188 -21.58 -3.02 -25.78
C ASP B 188 -21.07 -1.73 -26.44
N LYS B 189 -20.31 -0.94 -25.69
CA LYS B 189 -19.84 0.38 -26.15
C LYS B 189 -18.31 0.51 -26.23
N CYS B 190 -17.59 -0.60 -26.05
CA CYS B 190 -16.14 -0.61 -26.22
C CYS B 190 -15.76 0.00 -27.57
N TYR B 191 -14.85 0.97 -27.56
CA TYR B 191 -14.44 1.67 -28.78
C TYR B 191 -13.76 0.74 -29.81
N ARG B 192 -13.28 -0.43 -29.38
CA ARG B 192 -12.69 -1.42 -30.32
C ARG B 192 -13.74 -2.34 -30.99
N ARG B 193 -15.01 -2.15 -30.64
CA ARG B 193 -16.11 -2.98 -31.17
C ARG B 193 -16.22 -3.01 -32.71
N PRO B 194 -16.03 -1.87 -33.40
CA PRO B 194 -16.02 -1.95 -34.86
C PRO B 194 -14.97 -2.94 -35.40
N HIS B 195 -13.82 -3.05 -34.72
CA HIS B 195 -12.82 -4.04 -35.11
C HIS B 195 -13.32 -5.46 -34.86
N PHE B 196 -13.93 -5.69 -33.69
CA PHE B 196 -14.57 -6.98 -33.40
C PHE B 196 -15.57 -7.35 -34.49
N ASP B 197 -16.44 -6.41 -34.82
CA ASP B 197 -17.49 -6.63 -35.82
C ASP B 197 -16.92 -6.92 -37.22
N ALA B 198 -15.73 -6.40 -37.51
CA ALA B 198 -15.06 -6.62 -38.79
C ALA B 198 -14.03 -7.75 -38.75
N GLY B 199 -14.01 -8.52 -37.66
CA GLY B 199 -13.07 -9.64 -37.51
C GLY B 199 -11.61 -9.25 -37.42
N GLN B 200 -11.35 -8.06 -36.87
CA GLN B 200 -10.00 -7.49 -36.79
C GLN B 200 -9.46 -7.62 -35.37
N PHE B 201 -8.54 -8.57 -35.18
CA PHE B 201 -8.07 -8.96 -33.86
C PHE B 201 -6.56 -8.93 -33.69
N VAL B 202 -6.12 -8.59 -32.48
CA VAL B 202 -4.75 -8.80 -32.06
C VAL B 202 -4.58 -10.31 -31.88
N GLU B 203 -3.50 -10.86 -32.40
N GLU B 203 -3.46 -10.85 -32.33
CA GLU B 203 -3.18 -12.30 -32.26
CA GLU B 203 -3.19 -12.28 -32.15
C GLU B 203 -1.95 -12.55 -31.39
C GLU B 203 -1.90 -12.58 -31.42
N GLU B 204 -0.99 -11.61 -31.38
CA GLU B 204 0.18 -11.67 -30.50
C GLU B 204 0.43 -10.27 -29.99
N TRP B 205 0.95 -10.18 -28.78
CA TRP B 205 1.24 -8.86 -28.20
C TRP B 205 2.18 -8.07 -29.10
N ASP B 206 1.87 -6.78 -29.25
CA ASP B 206 2.64 -5.83 -30.02
C ASP B 206 2.78 -6.17 -31.50
N ASP B 207 1.82 -6.93 -32.02
CA ASP B 207 1.77 -7.18 -33.47
C ASP B 207 1.21 -5.91 -34.13
N GLU B 208 1.18 -5.89 -35.46
CA GLU B 208 0.69 -4.70 -36.18
CA GLU B 208 0.70 -4.71 -36.19
C GLU B 208 -0.74 -4.36 -35.78
N SER B 209 -1.56 -5.40 -35.56
CA SER B 209 -2.94 -5.23 -35.14
C SER B 209 -3.06 -4.53 -33.78
N ALA B 210 -2.17 -4.87 -32.86
CA ALA B 210 -2.14 -4.23 -31.55
C ALA B 210 -1.80 -2.75 -31.65
N ARG B 211 -0.89 -2.42 -32.56
CA ARG B 211 -0.50 -1.03 -32.77
C ARG B 211 -1.60 -0.20 -33.45
N LYS B 212 -2.58 -0.87 -34.05
CA LYS B 212 -3.75 -0.20 -34.62
C LYS B 212 -4.99 -0.29 -33.73
N GLY B 213 -4.83 -0.80 -32.50
CA GLY B 213 -5.94 -0.92 -31.57
C GLY B 213 -7.03 -1.89 -31.96
N PHE B 214 -6.66 -2.99 -32.61
CA PHE B 214 -7.62 -4.03 -32.96
C PHE B 214 -8.19 -4.69 -31.72
N CYS B 215 -9.32 -5.37 -31.90
CA CYS B 215 -10.03 -6.02 -30.80
C CYS B 215 -9.16 -7.05 -30.08
N LEU B 216 -9.33 -7.12 -28.75
CA LEU B 216 -8.53 -7.99 -27.87
C LEU B 216 -9.18 -9.32 -27.53
N TYR B 217 -10.28 -9.67 -28.20
CA TYR B 217 -11.01 -10.91 -27.95
C TYR B 217 -10.11 -12.15 -27.97
N LYS B 218 -9.26 -12.25 -28.99
CA LYS B 218 -8.40 -13.44 -29.14
C LYS B 218 -7.22 -13.46 -28.17
N MET B 219 -7.00 -12.34 -27.46
CA MET B 219 -6.01 -12.26 -26.39
C MET B 219 -6.64 -12.48 -25.03
N GLY B 220 -7.91 -12.88 -25.03
CA GLY B 220 -8.61 -13.28 -23.80
C GLY B 220 -9.59 -12.27 -23.22
N CYS B 221 -9.86 -11.17 -23.92
CA CYS B 221 -10.74 -10.12 -23.38
C CYS B 221 -12.07 -10.71 -22.94
N LYS B 222 -12.43 -10.45 -21.69
CA LYS B 222 -13.70 -10.93 -21.11
C LYS B 222 -14.79 -9.85 -21.13
N GLY B 223 -14.57 -8.77 -21.90
CA GLY B 223 -15.55 -7.72 -22.08
C GLY B 223 -16.94 -8.19 -22.51
N PRO B 224 -17.02 -9.21 -23.39
CA PRO B 224 -18.35 -9.68 -23.81
C PRO B 224 -19.23 -10.30 -22.73
N THR B 225 -18.65 -10.70 -21.59
CA THR B 225 -19.41 -11.32 -20.49
C THR B 225 -19.33 -10.54 -19.17
N THR B 226 -18.87 -9.30 -19.22
CA THR B 226 -18.57 -8.54 -18.00
C THR B 226 -19.35 -7.23 -17.98
N TYR B 227 -20.11 -7.04 -16.91
CA TYR B 227 -20.90 -5.83 -16.72
C TYR B 227 -20.18 -4.83 -15.83
N ASN B 228 -19.95 -3.64 -16.39
CA ASN B 228 -19.27 -2.53 -15.70
C ASN B 228 -19.38 -1.28 -16.57
N ALA B 229 -18.95 -0.14 -16.05
CA ALA B 229 -19.04 1.14 -16.76
C ALA B 229 -17.71 1.55 -17.41
N CYS B 230 -16.79 0.61 -17.54
CA CYS B 230 -15.43 0.94 -17.95
C CYS B 230 -15.28 1.50 -19.34
N SER B 231 -16.12 1.09 -20.29
CA SER B 231 -15.95 1.52 -21.67
CA SER B 231 -15.99 1.52 -21.68
C SER B 231 -16.53 2.92 -21.91
N THR B 232 -17.40 3.37 -21.01
CA THR B 232 -18.04 4.69 -21.14
C THR B 232 -17.53 5.71 -20.10
N THR B 233 -17.76 5.41 -18.83
CA THR B 233 -17.28 6.26 -17.73
C THR B 233 -15.74 6.27 -17.71
N ARG B 234 -15.16 5.08 -17.93
CA ARG B 234 -13.72 4.90 -17.92
C ARG B 234 -13.12 5.18 -16.53
N TRP B 235 -11.79 5.18 -16.46
CA TRP B 235 -11.06 5.19 -15.20
C TRP B 235 -10.30 6.48 -14.97
N ASN B 236 -10.23 6.89 -13.72
CA ASN B 236 -9.41 8.02 -13.29
C ASN B 236 -9.74 9.28 -14.07
N GLU B 237 -10.98 9.71 -13.92
CA GLU B 237 -11.55 10.85 -14.61
C GLU B 237 -11.51 10.68 -16.14
N GLY B 238 -11.93 9.49 -16.59
CA GLY B 238 -12.04 9.17 -18.01
C GLY B 238 -10.73 9.20 -18.79
N THR B 239 -9.63 8.87 -18.12
CA THR B 239 -8.30 8.89 -18.74
C THR B 239 -8.08 7.68 -19.66
N SER B 240 -8.42 6.49 -19.17
CA SER B 240 -8.33 5.28 -19.96
C SER B 240 -9.19 4.19 -19.34
N PHE B 241 -9.09 2.99 -19.90
CA PHE B 241 -9.61 1.78 -19.28
C PHE B 241 -8.74 0.61 -19.77
N PRO B 242 -8.86 -0.57 -19.15
CA PRO B 242 -7.91 -1.63 -19.52
C PRO B 242 -7.73 -1.86 -21.03
N ILE B 243 -8.85 -1.92 -21.76
CA ILE B 243 -8.82 -2.17 -23.20
C ILE B 243 -8.16 -1.03 -23.97
N GLN B 244 -8.45 0.21 -23.59
CA GLN B 244 -7.83 1.36 -24.27
C GLN B 244 -6.30 1.34 -24.11
N SER B 245 -5.84 0.91 -22.94
CA SER B 245 -4.41 0.80 -22.68
C SER B 245 -3.77 -0.50 -23.18
N GLY B 246 -4.57 -1.39 -23.78
CA GLY B 246 -4.05 -2.52 -24.55
C GLY B 246 -4.19 -3.91 -23.97
N HIS B 247 -4.78 -4.04 -22.79
CA HIS B 247 -4.96 -5.36 -22.18
C HIS B 247 -6.44 -5.69 -22.19
N GLY B 248 -6.77 -6.95 -22.47
CA GLY B 248 -8.16 -7.35 -22.41
C GLY B 248 -8.73 -7.20 -21.00
N CYS B 249 -10.03 -6.95 -20.93
CA CYS B 249 -10.76 -7.08 -19.68
C CYS B 249 -10.51 -8.49 -19.13
N ILE B 250 -10.24 -8.59 -17.82
CA ILE B 250 -10.09 -9.88 -17.15
C ILE B 250 -11.36 -10.31 -16.42
N GLY B 251 -12.43 -9.52 -16.53
CA GLY B 251 -13.73 -9.85 -15.95
C GLY B 251 -13.89 -9.50 -14.48
N CYS B 252 -13.19 -8.46 -14.04
CA CYS B 252 -12.99 -8.28 -12.59
C CYS B 252 -14.23 -7.89 -11.79
N SER B 253 -15.30 -7.47 -12.46
CA SER B 253 -16.55 -7.17 -11.76
C SER B 253 -17.50 -8.36 -11.70
N GLU B 254 -17.11 -9.48 -12.31
CA GLU B 254 -17.98 -10.67 -12.34
C GLU B 254 -17.66 -11.72 -11.28
N ASP B 255 -18.71 -12.28 -10.73
CA ASP B 255 -18.63 -13.34 -9.72
C ASP B 255 -17.71 -14.48 -10.16
N GLY B 256 -16.67 -14.76 -9.38
CA GLY B 256 -15.79 -15.91 -9.63
C GLY B 256 -14.85 -15.77 -10.80
N PHE B 257 -14.49 -14.52 -11.15
CA PHE B 257 -13.68 -14.29 -12.36
C PHE B 257 -12.28 -14.90 -12.34
N TRP B 258 -11.74 -15.16 -11.15
CA TRP B 258 -10.41 -15.78 -11.02
C TRP B 258 -10.38 -17.25 -11.43
N ASP B 259 -11.54 -17.91 -11.45
CA ASP B 259 -11.64 -19.34 -11.72
C ASP B 259 -12.42 -19.64 -13.00
N LYS B 260 -12.36 -18.71 -13.95
CA LYS B 260 -12.98 -18.91 -15.26
C LYS B 260 -11.92 -19.15 -16.34
N GLY B 261 -10.81 -19.79 -15.95
CA GLY B 261 -9.71 -20.09 -16.86
C GLY B 261 -8.74 -18.95 -16.98
N SER B 262 -7.67 -19.18 -17.75
CA SER B 262 -6.66 -18.17 -17.96
C SER B 262 -7.26 -16.88 -18.49
N PHE B 263 -6.72 -15.76 -18.02
CA PHE B 263 -7.15 -14.46 -18.53
C PHE B 263 -6.87 -14.32 -20.02
N TYR B 264 -5.90 -15.09 -20.52
CA TYR B 264 -5.50 -15.00 -21.92
C TYR B 264 -6.15 -16.03 -22.82
N ASP B 265 -6.98 -16.89 -22.26
CA ASP B 265 -7.76 -17.81 -23.07
C ASP B 265 -9.03 -17.12 -23.54
N ARG B 266 -9.24 -17.16 -24.84
CA ARG B 266 -10.40 -16.49 -25.42
C ARG B 266 -11.69 -17.19 -25.00
N LEU B 267 -12.77 -16.41 -24.99
CA LEU B 267 -14.10 -16.97 -24.84
C LEU B 267 -14.43 -17.83 -26.05
N THR B 268 -15.20 -18.89 -25.83
CA THR B 268 -15.62 -19.79 -26.92
C THR B 268 -16.96 -19.30 -27.48
FE NFV C . 3.72 -3.62 -0.22
NI NFV C . 1.01 -2.91 0.29
C1 NFV C . 4.86 -4.73 -1.25
O1 NFV C . 5.51 -5.32 -1.80
C2 NFV C . 4.57 -4.01 1.36
N2 NFV C . 5.12 -4.28 2.37
C3 NFV C . 4.96 -2.23 -0.50
N3 NFV C . 5.68 -1.42 -0.69
O4 NFV C . 2.53 -2.25 0.96
MG MG D . 5.38 -15.40 1.84
KR KR E . 8.52 14.32 10.61
KR KR E . 9.37 14.03 10.63
KR KR F . 5.32 -3.97 17.49
KR KR G . -2.59 16.81 9.07
KR KR H . 4.04 13.38 -5.26
KR KR I . 19.25 14.11 7.92
KR KR J . -6.45 16.98 8.45
KR KR K . 4.35 21.78 8.19
KR KR K . 6.07 23.19 10.14
KR KR L . 11.54 27.27 8.22
KR KR M . -11.21 14.69 7.83
KR KR N . -11.19 20.96 6.80
KR KR O . -9.06 18.05 7.14
KR KR P . 21.44 15.25 10.80
CL CL Q . 11.16 -4.86 -15.44
FE1 SF4 R . -12.97 -6.78 -25.63
FE2 SF4 R . -13.03 -6.54 -28.36
FE3 SF4 R . -13.73 -4.43 -26.79
FE4 SF4 R . -15.37 -6.59 -27.01
S1 SF4 R . -14.78 -5.11 -28.68
S2 SF4 R . -14.82 -5.49 -25.10
S3 SF4 R . -13.81 -8.31 -27.08
S4 SF4 R . -11.64 -5.43 -26.94
FE1 F3S S . -12.71 -5.36 -17.17
FE3 F3S S . -13.30 -2.94 -16.20
FE4 F3S S . -12.30 -4.80 -14.54
S1 F3S S . -12.40 -3.40 -18.23
S2 F3S S . -10.92 -6.10 -15.88
S3 F3S S . -14.36 -4.85 -15.61
S4 F3S S . -11.78 -2.59 -14.55
S1 F4S T . -10.22 -4.87 -1.66
FE1 F4S T . -8.71 -5.29 -3.39
S2 F4S T . -8.87 -7.55 -3.91
FE2 F4S T . -10.76 -6.75 -2.89
S3 F4S T . -12.14 -6.13 -4.60
FE3 F4S T . -10.53 -7.56 -5.47
FE4 F4S T . -10.52 -2.92 -2.80
FE4 F4S T . -10.86 -3.43 -3.12
KR KR U . -7.02 5.07 0.90
KR KR V . -10.95 15.22 4.18
KR KR W . -11.83 6.05 1.99
KR KR W . -12.75 8.18 2.30
KR KR X . -3.46 4.03 2.38
KR KR X . -4.11 2.45 3.48
KR KR Y . -18.47 6.21 2.16
KR KR Z . -10.97 11.16 2.01
KR KR AA . -30.32 4.63 2.12
CL CL BA . -15.00 -12.93 -7.30
#